data_2WQR
#
_entry.id   2WQR
#
_cell.length_a   130.502
_cell.length_b   75.282
_cell.length_c   79.144
_cell.angle_alpha   90.00
_cell.angle_beta   90.00
_cell.angle_gamma   90.00
#
_symmetry.space_group_name_H-M   'P 21 21 2'
#
loop_
_entity.id
_entity.type
_entity.pdbx_description
1 polymer 'IG EPSILON CHAIN C REGION'
2 branched alpha-D-mannopyranose-(1-3)-[alpha-D-mannopyranose-(1-6)]beta-D-mannopyranose-(1-4)-2-acetamido-2-deoxy-beta-D-glucopyranose-(1-4)-2-acetamido-2-deoxy-beta-D-glucopyranose
3 non-polymer 'SULFATE ION'
4 non-polymer GLYCEROL
5 non-polymer 2-AMINO-2-HYDROXYMETHYL-PROPANE-1,3-DIOL
6 non-polymer 'TETRAETHYLENE GLYCOL'
7 water water
#
_entity_poly.entity_id   1
_entity_poly.type   'polypeptide(L)'
_entity_poly.pdbx_seq_one_letter_code
;CSRDFTPPTVKILQSSCDGGGHFPPTIQLLCLVSGYTPGTIQITWLEDGQVMDVDLSTASTTQEGELASTQSELTLSQKH
WLSDRTYTCQVTYQGHTFEDSTKKCADSNPRGVSAYLSRPSPFDLFIRKSPTITCLVVDLAPSKGTVQLTWSRASGKPVN
HSTRKEEKQRNGTLTVTSTLPVGTRDWIEGETYQCRVTHPHLPRALMRSTTKTSGPRAAPEVYAFATPEWPGSRDKRTLA
CLIQNFMPEDISVQWLHNEVQLPDARHSTTQPRKTKGSGFFVFSRLEVTRAEWEQKDEFICRAVHEAASPSQTVQRAVSV
NPG
;
_entity_poly.pdbx_strand_id   A,B
#
# COMPACT_ATOMS: atom_id res chain seq x y z
N ASP A 4 14.44 27.30 -27.26
CA ASP A 4 14.10 26.77 -28.58
C ASP A 4 14.71 25.40 -28.81
N PHE A 5 15.96 25.24 -28.38
CA PHE A 5 16.69 23.99 -28.55
C PHE A 5 16.36 23.00 -27.42
N THR A 6 15.99 21.78 -27.80
CA THR A 6 15.67 20.75 -26.82
C THR A 6 16.71 19.63 -26.86
N PRO A 7 17.53 19.55 -25.81
CA PRO A 7 18.61 18.56 -25.73
C PRO A 7 18.04 17.17 -25.53
N PRO A 8 18.81 16.13 -25.92
CA PRO A 8 18.36 14.77 -25.67
C PRO A 8 18.45 14.42 -24.18
N THR A 9 17.55 13.56 -23.75
CA THR A 9 17.63 12.95 -22.43
C THR A 9 17.61 11.44 -22.63
N VAL A 10 18.17 10.70 -21.68
CA VAL A 10 18.30 9.26 -21.80
C VAL A 10 17.58 8.57 -20.64
N LYS A 11 16.79 7.55 -20.94
CA LYS A 11 16.20 6.71 -19.90
C LYS A 11 16.11 5.27 -20.37
N ILE A 12 16.26 4.34 -19.44
CA ILE A 12 16.25 2.94 -19.82
C ILE A 12 15.05 2.27 -19.16
N LEU A 13 14.27 1.55 -19.95
CA LEU A 13 13.20 0.71 -19.41
C LEU A 13 13.58 -0.76 -19.64
N GLN A 14 12.90 -1.67 -18.94
CA GLN A 14 13.24 -3.07 -19.10
C GLN A 14 12.03 -3.97 -18.95
N SER A 15 12.12 -5.18 -19.52
CA SER A 15 11.10 -6.22 -19.35
C SER A 15 10.73 -6.33 -17.88
N SER A 16 9.44 -6.46 -17.58
CA SER A 16 9.03 -6.57 -16.19
C SER A 16 8.92 -8.04 -15.77
N CYS A 17 8.93 -8.29 -14.47
CA CYS A 17 8.65 -9.62 -13.95
C CYS A 17 7.13 -9.81 -13.92
N ASP A 18 6.68 -11.07 -13.95
CA ASP A 18 5.24 -11.31 -14.04
C ASP A 18 4.54 -11.12 -12.71
N GLY A 19 3.26 -11.49 -12.65
CA GLY A 19 2.46 -11.31 -11.44
C GLY A 19 2.99 -12.06 -10.24
N GLY A 20 3.90 -13.00 -10.47
CA GLY A 20 4.49 -13.76 -9.38
C GLY A 20 5.87 -13.25 -8.99
N GLY A 21 6.34 -12.22 -9.68
CA GLY A 21 7.68 -11.71 -9.45
C GLY A 21 8.75 -12.54 -10.13
N HIS A 22 8.35 -13.35 -11.12
CA HIS A 22 9.29 -14.18 -11.86
C HIS A 22 9.85 -13.45 -13.09
N PHE A 23 11.09 -13.73 -13.44
CA PHE A 23 11.73 -13.13 -14.62
C PHE A 23 11.30 -13.86 -15.89
N PRO A 24 11.15 -13.12 -16.99
CA PRO A 24 10.90 -13.77 -18.29
C PRO A 24 12.16 -14.49 -18.78
N PRO A 25 12.04 -15.29 -19.84
CA PRO A 25 13.17 -16.06 -20.38
C PRO A 25 14.28 -15.17 -20.93
N THR A 26 13.92 -14.05 -21.54
CA THR A 26 14.92 -13.06 -21.93
C THR A 26 14.53 -11.68 -21.42
N ILE A 27 15.53 -10.81 -21.32
CA ILE A 27 15.30 -9.48 -20.80
C ILE A 27 15.60 -8.46 -21.89
N GLN A 28 14.62 -7.61 -22.17
CA GLN A 28 14.85 -6.51 -23.09
C GLN A 28 15.16 -5.25 -22.30
N LEU A 29 16.20 -4.54 -22.72
CA LEU A 29 16.44 -3.20 -22.23
C LEU A 29 16.12 -2.23 -23.36
N LEU A 30 15.39 -1.18 -23.04
CA LEU A 30 14.97 -0.23 -24.05
C LEU A 30 15.50 1.14 -23.69
N CYS A 31 16.40 1.65 -24.49
CA CYS A 31 16.93 2.98 -24.26
C CYS A 31 16.18 4.01 -25.08
N LEU A 32 15.57 4.97 -24.39
CA LEU A 32 14.72 5.97 -25.01
C LEU A 32 15.36 7.34 -24.95
N VAL A 33 15.51 7.96 -26.12
CA VAL A 33 15.95 9.35 -26.22
C VAL A 33 14.78 10.14 -26.82
N SER A 34 13.94 10.70 -25.96
CA SER A 34 12.64 11.17 -26.44
C SER A 34 12.52 12.70 -26.56
N GLY A 35 12.02 13.15 -27.70
CA GLY A 35 11.74 14.56 -27.94
C GLY A 35 12.97 15.46 -27.88
N TYR A 36 13.79 15.43 -28.92
CA TYR A 36 14.96 16.29 -28.94
C TYR A 36 15.12 16.98 -30.30
N THR A 37 15.87 18.06 -30.32
CA THR A 37 16.15 18.77 -31.57
C THR A 37 16.93 17.85 -32.50
N PRO A 38 16.41 17.64 -33.71
CA PRO A 38 17.06 16.70 -34.65
C PRO A 38 18.54 17.02 -34.86
N GLY A 39 19.33 15.98 -35.05
CA GLY A 39 20.75 16.12 -35.28
C GLY A 39 21.37 14.75 -35.41
N THR A 40 22.69 14.70 -35.46
CA THR A 40 23.37 13.41 -35.66
C THR A 40 23.27 12.63 -34.34
N ILE A 41 22.90 11.36 -34.43
CA ILE A 41 22.76 10.56 -33.21
C ILE A 41 23.28 9.14 -33.37
N GLN A 42 23.87 8.63 -32.30
CA GLN A 42 24.30 7.24 -32.27
C GLN A 42 23.97 6.68 -30.89
N ILE A 43 23.47 5.45 -30.84
CA ILE A 43 23.23 4.77 -29.57
C ILE A 43 24.09 3.52 -29.53
N THR A 44 24.96 3.44 -28.54
CA THR A 44 25.85 2.29 -28.36
C THR A 44 25.55 1.69 -26.99
N TRP A 45 25.54 0.36 -26.89
CA TRP A 45 25.39 -0.31 -25.59
C TRP A 45 26.73 -0.80 -25.08
N LEU A 46 27.02 -0.59 -23.80
CA LEU A 46 28.19 -1.16 -23.15
C LEU A 46 27.77 -2.24 -22.14
N GLU A 47 28.53 -3.31 -22.08
CA GLU A 47 28.35 -4.34 -21.05
C GLU A 47 29.62 -4.28 -20.21
N ASP A 48 29.48 -3.90 -18.95
CA ASP A 48 30.63 -3.69 -18.08
C ASP A 48 31.72 -2.87 -18.77
N GLY A 49 31.29 -1.75 -19.36
CA GLY A 49 32.22 -0.79 -19.94
C GLY A 49 32.72 -1.13 -21.34
N GLN A 50 32.34 -2.30 -21.87
CA GLN A 50 32.81 -2.69 -23.22
C GLN A 50 31.70 -2.58 -24.25
N VAL A 51 32.03 -2.10 -25.44
CA VAL A 51 31.05 -1.95 -26.51
C VAL A 51 30.49 -3.30 -26.93
N MET A 52 29.16 -3.42 -26.94
CA MET A 52 28.51 -4.66 -27.32
C MET A 52 28.37 -4.74 -28.84
N ASP A 53 28.45 -5.96 -29.37
CA ASP A 53 28.35 -6.18 -30.82
C ASP A 53 27.12 -5.52 -31.42
N VAL A 54 27.32 -4.89 -32.59
CA VAL A 54 26.26 -4.16 -33.29
C VAL A 54 25.00 -4.99 -33.56
N ASP A 55 25.16 -6.29 -33.74
CA ASP A 55 24.01 -7.13 -34.09
C ASP A 55 23.06 -7.42 -32.92
N LEU A 56 23.48 -7.03 -31.72
CA LEU A 56 22.69 -7.29 -30.51
C LEU A 56 21.60 -6.26 -30.24
N SER A 57 21.64 -5.13 -30.93
CA SER A 57 20.67 -4.08 -30.69
C SER A 57 20.27 -3.42 -31.99
N THR A 58 19.08 -2.83 -31.97
CA THR A 58 18.57 -2.15 -33.15
C THR A 58 18.03 -0.80 -32.73
N ALA A 59 18.55 0.25 -33.35
CA ALA A 59 18.17 1.63 -33.03
C ALA A 59 17.34 2.21 -34.15
N SER A 60 16.40 3.07 -33.82
CA SER A 60 15.57 3.72 -34.83
C SER A 60 15.16 5.09 -34.37
N THR A 61 14.87 5.96 -35.32
CA THR A 61 14.52 7.34 -35.02
C THR A 61 13.32 7.77 -35.83
N THR A 62 12.43 8.53 -35.20
CA THR A 62 11.28 9.09 -35.89
C THR A 62 11.21 10.59 -35.60
N GLN A 63 10.47 11.30 -36.44
CA GLN A 63 10.32 12.73 -36.28
C GLN A 63 8.85 13.09 -36.07
N GLU A 64 8.59 13.95 -35.09
CA GLU A 64 7.25 14.48 -34.86
C GLU A 64 7.32 15.99 -34.65
N GLY A 65 6.72 16.74 -35.55
CA GLY A 65 6.81 18.19 -35.49
C GLY A 65 8.26 18.61 -35.46
N GLU A 66 8.64 19.40 -34.47
CA GLU A 66 9.97 19.98 -34.44
C GLU A 66 10.97 19.08 -33.70
N LEU A 67 10.52 17.90 -33.27
CA LEU A 67 11.35 17.06 -32.42
C LEU A 67 11.60 15.68 -33.01
N ALA A 68 12.76 15.10 -32.68
CA ALA A 68 13.02 13.71 -33.04
C ALA A 68 12.93 12.83 -31.79
N SER A 69 12.74 11.53 -32.01
CA SER A 69 12.75 10.57 -30.92
C SER A 69 13.48 9.33 -31.40
N THR A 70 14.39 8.85 -30.56
CA THR A 70 15.22 7.72 -30.92
C THR A 70 15.13 6.65 -29.83
N GLN A 71 15.23 5.39 -30.25
CA GLN A 71 15.25 4.32 -29.27
C GLN A 71 16.14 3.19 -29.72
N SER A 72 16.61 2.40 -28.76
CA SER A 72 17.39 1.23 -29.08
C SER A 72 17.00 0.12 -28.14
N GLU A 73 16.75 -1.05 -28.71
CA GLU A 73 16.38 -2.20 -27.91
C GLU A 73 17.51 -3.23 -27.88
N LEU A 74 17.90 -3.63 -26.68
CA LEU A 74 18.91 -4.65 -26.50
C LEU A 74 18.27 -5.87 -25.85
N THR A 75 18.52 -7.06 -26.40
CA THR A 75 18.00 -8.28 -25.79
C THR A 75 19.10 -9.06 -25.07
N LEU A 76 18.82 -9.42 -23.82
CA LEU A 76 19.78 -10.15 -22.99
C LEU A 76 19.18 -11.48 -22.55
N SER A 77 20.04 -12.48 -22.33
CA SER A 77 19.60 -13.72 -21.73
C SER A 77 19.29 -13.47 -20.27
N GLN A 78 18.38 -14.27 -19.71
CA GLN A 78 18.08 -14.14 -18.30
C GLN A 78 19.34 -14.32 -17.49
N LYS A 79 20.16 -15.29 -17.90
CA LYS A 79 21.40 -15.60 -17.20
C LYS A 79 22.31 -14.37 -17.07
N HIS A 80 22.52 -13.67 -18.18
CA HIS A 80 23.37 -12.50 -18.20
C HIS A 80 22.82 -11.38 -17.32
N TRP A 81 21.52 -11.15 -17.40
CA TRP A 81 20.88 -10.15 -16.55
C TRP A 81 21.10 -10.52 -15.08
N LEU A 82 20.86 -11.78 -14.75
CA LEU A 82 20.96 -12.23 -13.37
C LEU A 82 22.40 -12.28 -12.82
N SER A 83 23.38 -12.19 -13.72
CA SER A 83 24.78 -12.19 -13.29
C SER A 83 25.27 -10.82 -12.77
N ASP A 84 24.40 -9.82 -12.77
CA ASP A 84 24.76 -8.52 -12.20
C ASP A 84 25.75 -7.70 -13.02
N ARG A 85 25.82 -7.97 -14.32
CA ARG A 85 26.58 -7.13 -15.22
C ARG A 85 25.88 -5.79 -15.33
N THR A 86 26.65 -4.73 -15.55
CA THR A 86 26.08 -3.40 -15.72
C THR A 86 25.96 -3.08 -17.21
N TYR A 87 24.81 -2.58 -17.62
CA TYR A 87 24.60 -2.19 -19.01
C TYR A 87 24.41 -0.69 -19.14
N THR A 88 25.15 -0.08 -20.07
CA THR A 88 25.16 1.37 -20.25
C THR A 88 24.63 1.72 -21.63
N CYS A 89 23.62 2.60 -21.67
CA CYS A 89 23.18 3.16 -22.93
C CYS A 89 23.99 4.43 -23.16
N GLN A 90 24.80 4.43 -24.22
CA GLN A 90 25.68 5.54 -24.50
C GLN A 90 25.22 6.27 -25.74
N VAL A 91 24.74 7.49 -25.54
CA VAL A 91 24.14 8.27 -26.61
C VAL A 91 25.08 9.40 -27.00
N THR A 92 25.40 9.48 -28.29
CA THR A 92 26.27 10.54 -28.78
C THR A 92 25.44 11.38 -29.72
N TYR A 93 25.24 12.62 -29.34
CA TYR A 93 24.38 13.54 -30.06
C TYR A 93 25.21 14.76 -30.44
N GLN A 94 25.36 15.00 -31.73
CA GLN A 94 26.14 16.12 -32.22
C GLN A 94 27.53 16.12 -31.58
N GLY A 95 28.11 14.93 -31.46
CA GLY A 95 29.45 14.80 -30.93
C GLY A 95 29.58 14.84 -29.41
N HIS A 96 28.46 14.97 -28.72
CA HIS A 96 28.49 15.00 -27.25
C HIS A 96 27.82 13.75 -26.70
N THR A 97 28.38 13.22 -25.62
CA THR A 97 27.97 11.93 -25.07
C THR A 97 27.11 12.07 -23.81
N PHE A 98 26.03 11.30 -23.78
CA PHE A 98 25.12 11.24 -22.64
C PHE A 98 25.01 9.77 -22.29
N GLU A 99 25.07 9.44 -21.00
CA GLU A 99 25.02 8.03 -20.60
C GLU A 99 24.00 7.79 -19.50
N ASP A 100 23.39 6.60 -19.50
CA ASP A 100 22.65 6.12 -18.33
C ASP A 100 22.96 4.63 -18.23
N SER A 101 22.80 4.06 -17.06
CA SER A 101 23.22 2.67 -16.83
C SER A 101 22.23 1.94 -15.97
N THR A 102 22.25 0.61 -16.07
CA THR A 102 21.33 -0.18 -15.26
C THR A 102 21.96 -1.53 -14.93
N LYS A 103 21.49 -2.12 -13.85
CA LYS A 103 21.69 -3.54 -13.63
C LYS A 103 20.49 -4.09 -12.87
N LYS A 104 20.41 -5.40 -12.75
CA LYS A 104 19.31 -6.04 -12.04
C LYS A 104 19.05 -5.36 -10.71
N CYS A 105 17.78 -5.12 -10.40
CA CYS A 105 17.43 -4.52 -9.11
C CYS A 105 17.89 -5.43 -7.98
N ALA A 106 18.54 -4.85 -6.98
CA ALA A 106 19.05 -5.62 -5.88
C ALA A 106 17.89 -6.02 -4.96
N ASP A 107 18.11 -7.02 -4.13
CA ASP A 107 17.11 -7.46 -3.16
C ASP A 107 16.57 -6.30 -2.33
N SER A 108 15.25 -6.29 -2.13
CA SER A 108 14.63 -5.24 -1.35
C SER A 108 14.63 -5.54 0.16
N ASN A 109 14.72 -6.82 0.52
CA ASN A 109 14.72 -7.21 1.94
C ASN A 109 15.84 -8.18 2.29
N PRO A 110 17.10 -7.77 2.03
CA PRO A 110 18.25 -8.68 2.22
C PRO A 110 18.34 -9.13 3.67
N ARG A 111 18.51 -10.44 3.89
CA ARG A 111 18.63 -10.99 5.23
C ARG A 111 17.41 -10.62 6.08
N GLY A 112 16.26 -10.48 5.45
CA GLY A 112 15.02 -10.20 6.16
C GLY A 112 14.87 -8.77 6.62
N VAL A 113 15.92 -7.97 6.41
CA VAL A 113 15.89 -6.57 6.78
C VAL A 113 14.86 -5.82 5.95
N SER A 114 14.25 -4.79 6.53
CA SER A 114 13.41 -3.87 5.77
C SER A 114 13.91 -2.46 5.98
N ALA A 115 13.63 -1.58 5.03
CA ALA A 115 14.03 -0.19 5.14
C ALA A 115 12.95 0.70 4.52
N TYR A 116 12.53 1.70 5.27
CA TYR A 116 11.48 2.61 4.82
C TYR A 116 11.96 4.06 4.86
N LEU A 117 11.43 4.88 3.95
CA LEU A 117 11.81 6.28 3.87
C LEU A 117 10.58 7.13 3.65
N SER A 118 10.31 8.05 4.58
CA SER A 118 9.07 8.84 4.53
C SER A 118 9.22 10.15 3.77
N ARG A 119 8.08 10.76 3.42
CA ARG A 119 8.06 12.14 2.92
C ARG A 119 7.81 13.05 4.12
N PRO A 120 8.06 14.36 3.97
CA PRO A 120 7.77 15.28 5.08
C PRO A 120 6.30 15.25 5.45
N SER A 121 5.97 15.58 6.69
CA SER A 121 4.57 15.75 7.06
C SER A 121 4.09 17.08 6.51
N PRO A 122 2.84 17.13 6.00
CA PRO A 122 2.32 18.40 5.50
C PRO A 122 2.35 19.49 6.58
N PHE A 123 2.17 19.12 7.85
CA PHE A 123 2.21 20.12 8.90
C PHE A 123 3.59 20.76 8.98
N ASP A 124 4.62 19.91 9.02
CA ASP A 124 6.01 20.37 9.08
C ASP A 124 6.40 21.17 7.85
N LEU A 125 5.83 20.80 6.71
CA LEU A 125 6.19 21.41 5.43
C LEU A 125 5.54 22.77 5.23
N PHE A 126 4.25 22.87 5.56
CA PHE A 126 3.48 24.07 5.23
C PHE A 126 3.23 24.98 6.43
N ILE A 127 3.15 24.41 7.63
CA ILE A 127 2.85 25.20 8.80
C ILE A 127 4.12 25.55 9.59
N ARG A 128 4.86 24.51 9.96
CA ARG A 128 6.07 24.65 10.77
C ARG A 128 7.22 25.17 9.92
N LYS A 129 7.14 24.95 8.61
CA LYS A 129 8.17 25.38 7.68
C LYS A 129 9.54 24.77 8.00
N SER A 130 9.53 23.55 8.53
CA SER A 130 10.77 22.83 8.75
C SER A 130 10.57 21.34 8.46
N PRO A 131 10.46 21.00 7.17
CA PRO A 131 10.23 19.63 6.71
C PRO A 131 11.42 18.71 6.99
N THR A 132 11.13 17.48 7.40
CA THR A 132 12.16 16.46 7.60
C THR A 132 11.71 15.15 6.98
N ILE A 133 12.66 14.28 6.66
CA ILE A 133 12.31 12.94 6.22
C ILE A 133 13.01 11.91 7.10
N THR A 134 12.41 10.75 7.25
CA THR A 134 12.92 9.73 8.15
C THR A 134 13.21 8.39 7.46
N CYS A 135 14.42 7.90 7.65
CA CYS A 135 14.82 6.60 7.17
C CYS A 135 14.82 5.61 8.33
N LEU A 136 14.04 4.55 8.18
CA LEU A 136 13.90 3.54 9.22
C LEU A 136 14.33 2.19 8.68
N VAL A 137 15.16 1.50 9.45
CA VAL A 137 15.64 0.17 9.07
C VAL A 137 15.32 -0.80 10.19
N VAL A 138 14.62 -1.89 9.86
CA VAL A 138 14.21 -2.84 10.87
C VAL A 138 14.68 -4.26 10.59
N ASP A 139 14.84 -5.03 11.67
CA ASP A 139 15.19 -6.45 11.59
C ASP A 139 16.62 -6.75 11.21
N LEU A 140 17.55 -5.88 11.59
CA LEU A 140 18.96 -6.18 11.37
C LEU A 140 19.59 -6.78 12.63
N ALA A 141 20.51 -7.73 12.44
CA ALA A 141 21.11 -8.46 13.54
C ALA A 141 22.03 -7.58 14.38
N PRO A 142 22.02 -7.80 15.70
CA PRO A 142 22.84 -7.03 16.65
C PRO A 142 24.32 -7.42 16.60
N SER A 143 24.76 -7.95 15.47
CA SER A 143 26.16 -8.35 15.31
C SER A 143 27.08 -7.14 15.49
N LYS A 144 28.39 -7.38 15.43
CA LYS A 144 29.37 -6.32 15.59
C LYS A 144 29.33 -5.34 14.41
N GLY A 145 30.19 -4.33 14.45
CA GLY A 145 30.23 -3.32 13.42
C GLY A 145 29.08 -2.34 13.56
N THR A 146 29.27 -1.12 13.07
CA THR A 146 28.24 -0.09 13.17
C THR A 146 27.43 0.01 11.89
N VAL A 147 26.17 0.41 12.03
CA VAL A 147 25.31 0.64 10.87
C VAL A 147 25.54 2.04 10.32
N GLN A 148 26.10 2.11 9.12
CA GLN A 148 26.30 3.40 8.46
C GLN A 148 25.03 3.81 7.72
N LEU A 149 24.55 5.00 8.06
CA LEU A 149 23.35 5.53 7.44
C LEU A 149 23.63 6.93 6.92
N THR A 150 23.84 7.05 5.62
CA THR A 150 24.18 8.34 5.03
C THR A 150 23.12 8.87 4.07
N TRP A 151 23.05 10.19 4.00
CA TRP A 151 22.04 10.86 3.19
C TRP A 151 22.69 11.49 1.95
N SER A 152 21.90 11.64 0.90
CA SER A 152 22.37 12.28 -0.32
C SER A 152 21.19 12.80 -1.16
N ARG A 153 21.46 13.79 -1.99
CA ARG A 153 20.47 14.30 -2.93
C ARG A 153 20.83 13.81 -4.33
N ALA A 154 19.83 13.49 -5.14
CA ALA A 154 20.08 13.00 -6.48
C ALA A 154 20.90 14.03 -7.24
N SER A 155 20.59 15.30 -7.01
CA SER A 155 21.29 16.41 -7.64
C SER A 155 22.76 16.44 -7.22
N GLY A 156 23.06 15.89 -6.05
CA GLY A 156 24.41 15.87 -5.53
C GLY A 156 24.72 17.07 -4.67
N LYS A 157 23.71 17.89 -4.38
CA LYS A 157 23.88 19.05 -3.53
C LYS A 157 24.02 18.66 -2.06
N PRO A 158 24.59 19.54 -1.25
CA PRO A 158 24.84 19.24 0.16
C PRO A 158 23.56 18.90 0.95
N VAL A 159 23.72 18.04 1.94
CA VAL A 159 22.67 17.76 2.92
C VAL A 159 23.20 18.14 4.31
N ASN A 160 22.31 18.38 5.26
CA ASN A 160 22.72 18.69 6.62
C ASN A 160 22.99 17.41 7.39
N HIS A 161 23.42 17.56 8.66
CA HIS A 161 23.57 16.41 9.53
C HIS A 161 22.19 15.86 9.89
N SER A 162 22.16 14.64 10.39
CA SER A 162 20.89 13.98 10.70
C SER A 162 20.91 13.40 12.11
N THR A 163 19.73 13.06 12.62
CA THR A 163 19.64 12.36 13.89
C THR A 163 19.92 10.89 13.63
N ARG A 164 20.29 10.17 14.68
CA ARG A 164 20.51 8.74 14.56
C ARG A 164 20.21 8.07 15.89
N LYS A 165 19.38 7.03 15.84
CA LYS A 165 18.98 6.32 17.04
C LYS A 165 18.82 4.85 16.74
N GLU A 166 19.45 4.02 17.55
CA GLU A 166 19.30 2.58 17.41
C GLU A 166 18.80 1.96 18.71
N GLU A 167 17.85 1.02 18.60
CA GLU A 167 17.25 0.42 19.77
C GLU A 167 17.08 -1.09 19.60
N LYS A 168 17.60 -1.84 20.57
CA LYS A 168 17.40 -3.28 20.61
C LYS A 168 15.94 -3.52 20.96
N GLN A 169 15.24 -4.31 20.15
CA GLN A 169 13.81 -4.53 20.34
C GLN A 169 13.54 -5.77 21.19
N ARG A 170 12.31 -5.88 21.68
CA ARG A 170 11.94 -6.99 22.54
C ARG A 170 12.17 -8.34 21.87
N ASN A 171 12.01 -8.38 20.54
CA ASN A 171 12.24 -9.62 19.80
C ASN A 171 13.72 -9.86 19.47
N GLY A 172 14.58 -9.02 20.05
CA GLY A 172 16.01 -9.22 19.93
C GLY A 172 16.62 -8.67 18.65
N THR A 173 15.80 -8.06 17.80
CA THR A 173 16.30 -7.44 16.58
C THR A 173 16.74 -6.01 16.85
N LEU A 174 17.35 -5.37 15.86
CA LEU A 174 17.81 -4.01 16.00
C LEU A 174 17.21 -3.12 14.91
N THR A 175 16.74 -1.93 15.32
CA THR A 175 16.23 -0.96 14.37
C THR A 175 17.04 0.33 14.43
N VAL A 176 17.38 0.86 13.27
CA VAL A 176 18.11 2.12 13.19
C VAL A 176 17.25 3.19 12.52
N THR A 177 17.13 4.33 13.18
CA THR A 177 16.34 5.45 12.70
C THR A 177 17.22 6.67 12.48
N SER A 178 17.04 7.34 11.34
CA SER A 178 17.69 8.61 11.10
C SER A 178 16.70 9.60 10.51
N THR A 179 16.77 10.85 10.98
CA THR A 179 15.89 11.90 10.48
C THR A 179 16.69 13.06 9.89
N LEU A 180 16.36 13.44 8.65
CA LEU A 180 17.10 14.49 7.94
C LEU A 180 16.24 15.72 7.66
N PRO A 181 16.71 16.90 8.10
CA PRO A 181 16.07 18.17 7.75
C PRO A 181 16.26 18.47 6.27
N VAL A 182 15.20 18.88 5.57
CA VAL A 182 15.35 19.22 4.16
C VAL A 182 14.90 20.65 3.87
N GLY A 183 15.32 21.16 2.72
CA GLY A 183 14.92 22.49 2.29
C GLY A 183 13.44 22.50 1.93
N THR A 184 12.70 23.45 2.49
CA THR A 184 11.29 23.57 2.17
C THR A 184 11.10 23.78 0.68
N ARG A 185 11.88 24.69 0.12
CA ARG A 185 11.83 24.99 -1.31
C ARG A 185 12.41 23.82 -2.11
N ASP A 186 13.52 23.29 -1.64
CA ASP A 186 14.19 22.16 -2.30
C ASP A 186 13.21 21.01 -2.50
N TRP A 187 12.42 20.73 -1.47
CA TRP A 187 11.50 19.61 -1.51
C TRP A 187 10.34 19.87 -2.45
N ILE A 188 9.70 21.03 -2.30
CA ILE A 188 8.55 21.39 -3.13
C ILE A 188 8.89 21.42 -4.61
N GLU A 189 10.15 21.68 -4.94
CA GLU A 189 10.55 21.79 -6.33
C GLU A 189 10.96 20.46 -6.95
N GLY A 190 11.05 19.42 -6.12
CA GLY A 190 11.19 18.07 -6.65
C GLY A 190 12.52 17.39 -6.44
N GLU A 191 13.29 17.85 -5.46
CA GLU A 191 14.54 17.17 -5.14
C GLU A 191 14.27 15.72 -4.75
N THR A 192 15.24 14.85 -5.01
CA THR A 192 15.14 13.46 -4.63
C THR A 192 16.14 13.20 -3.52
N TYR A 193 15.65 12.65 -2.41
CA TYR A 193 16.51 12.39 -1.26
C TYR A 193 16.75 10.90 -1.11
N GLN A 194 17.98 10.54 -0.78
CA GLN A 194 18.41 9.16 -0.75
C GLN A 194 18.97 8.77 0.61
N CYS A 195 18.50 7.64 1.11
CA CYS A 195 18.97 7.09 2.37
C CYS A 195 19.77 5.85 2.04
N ARG A 196 21.05 5.83 2.42
CA ARG A 196 21.92 4.71 2.10
C ARG A 196 22.37 3.98 3.36
N VAL A 197 22.03 2.70 3.46
CA VAL A 197 22.32 1.89 4.63
C VAL A 197 23.36 0.80 4.36
N THR A 198 24.42 0.78 5.16
CA THR A 198 25.40 -0.29 5.06
C THR A 198 25.58 -0.98 6.41
N HIS A 199 25.39 -2.29 6.41
CA HIS A 199 25.61 -3.09 7.60
C HIS A 199 26.67 -4.15 7.28
N PRO A 200 27.64 -4.32 8.18
CA PRO A 200 28.72 -5.30 7.99
C PRO A 200 28.17 -6.69 7.67
N HIS A 201 26.98 -6.98 8.17
CA HIS A 201 26.33 -8.28 7.94
C HIS A 201 25.57 -8.29 6.60
N LEU A 202 25.24 -7.10 6.10
CA LEU A 202 24.58 -6.99 4.81
C LEU A 202 25.58 -7.14 3.67
N PRO A 203 25.18 -7.84 2.61
CA PRO A 203 26.05 -8.06 1.45
C PRO A 203 26.48 -6.75 0.81
N ARG A 204 25.54 -5.83 0.67
CA ARG A 204 25.78 -4.57 -0.04
C ARG A 204 24.93 -3.43 0.50
N ALA A 205 25.27 -2.22 0.11
CA ALA A 205 24.53 -1.03 0.51
C ALA A 205 23.07 -1.16 0.10
N LEU A 206 22.18 -0.71 0.99
CA LEU A 206 20.75 -0.73 0.73
C LEU A 206 20.28 0.72 0.65
N MET A 207 19.59 1.07 -0.43
CA MET A 207 19.18 2.46 -0.61
C MET A 207 17.67 2.62 -0.74
N ARG A 208 17.19 3.75 -0.24
CA ARG A 208 15.80 4.14 -0.40
C ARG A 208 15.81 5.58 -0.89
N SER A 209 14.84 5.93 -1.71
CA SER A 209 14.76 7.27 -2.29
C SER A 209 13.35 7.81 -2.20
N THR A 210 13.23 9.11 -1.96
CA THR A 210 11.91 9.73 -1.88
C THR A 210 11.89 11.09 -2.57
N THR A 211 10.71 11.48 -3.04
CA THR A 211 10.52 12.75 -3.72
C THR A 211 9.05 13.09 -3.69
N LYS A 212 8.71 14.35 -4.00
CA LYS A 212 7.31 14.77 -3.95
C LYS A 212 6.45 13.96 -4.93
N THR A 213 5.17 13.83 -4.61
CA THR A 213 4.25 13.13 -5.51
C THR A 213 4.19 13.84 -6.85
N SER A 214 3.98 13.08 -7.91
CA SER A 214 3.84 13.65 -9.24
C SER A 214 2.43 13.44 -9.76
N GLY A 215 1.59 12.79 -8.94
CA GLY A 215 0.23 12.52 -9.32
C GLY A 215 -0.66 13.75 -9.29
N PRO A 216 -1.96 13.56 -9.58
CA PRO A 216 -2.96 14.62 -9.49
C PRO A 216 -3.17 15.00 -8.03
N ARG A 217 -3.62 16.23 -7.78
CA ARG A 217 -3.89 16.70 -6.43
C ARG A 217 -5.38 16.96 -6.22
N ALA A 218 -5.87 16.65 -5.03
CA ALA A 218 -7.27 16.84 -4.71
C ALA A 218 -7.38 17.14 -3.21
N ALA A 219 -8.04 18.24 -2.87
CA ALA A 219 -8.14 18.67 -1.48
C ALA A 219 -9.10 17.78 -0.70
N PRO A 220 -8.86 17.66 0.62
CA PRO A 220 -9.66 16.81 1.51
C PRO A 220 -11.04 17.40 1.76
N GLU A 221 -12.04 16.55 1.95
CA GLU A 221 -13.34 16.96 2.46
C GLU A 221 -13.32 16.57 3.91
N VAL A 222 -13.75 17.47 4.79
CA VAL A 222 -13.67 17.21 6.23
C VAL A 222 -15.06 17.25 6.83
N TYR A 223 -15.41 16.22 7.60
CA TYR A 223 -16.71 16.12 8.26
C TYR A 223 -16.46 15.71 9.69
N ALA A 224 -17.16 16.35 10.62
CA ALA A 224 -16.90 16.13 12.05
C ALA A 224 -18.19 15.79 12.76
N PHE A 225 -18.14 14.80 13.64
CA PHE A 225 -19.33 14.31 14.32
C PHE A 225 -19.07 14.16 15.82
N ALA A 226 -20.12 14.35 16.62
CA ALA A 226 -20.02 14.15 18.06
C ALA A 226 -20.89 12.96 18.43
N THR A 227 -20.35 12.00 19.17
CA THR A 227 -21.16 10.90 19.68
C THR A 227 -22.26 11.44 20.56
N PRO A 228 -23.45 10.80 20.53
CA PRO A 228 -24.47 11.11 21.53
C PRO A 228 -24.01 10.56 22.85
N GLU A 229 -24.59 11.01 23.96
CA GLU A 229 -24.25 10.46 25.26
C GLU A 229 -24.58 8.96 25.35
N TRP A 230 -23.64 8.17 25.83
CA TRP A 230 -23.85 6.75 26.03
C TRP A 230 -24.23 6.53 27.48
N PRO A 231 -25.25 5.70 27.74
CA PRO A 231 -25.68 5.50 29.14
C PRO A 231 -24.52 5.14 30.04
N GLY A 232 -24.35 5.86 31.14
CA GLY A 232 -23.27 5.62 32.07
C GLY A 232 -22.04 6.48 31.87
N SER A 233 -22.06 7.34 30.85
CA SER A 233 -20.91 8.18 30.53
C SER A 233 -21.31 9.64 30.39
N ARG A 234 -21.78 10.24 31.47
CA ARG A 234 -22.35 11.58 31.39
C ARG A 234 -21.36 12.71 31.09
N ASP A 235 -20.10 12.55 31.51
CA ASP A 235 -19.15 13.66 31.42
C ASP A 235 -18.08 13.51 30.34
N LYS A 236 -18.33 12.62 29.38
CA LYS A 236 -17.41 12.47 28.26
C LYS A 236 -18.15 12.26 26.95
N ARG A 237 -17.56 12.75 25.86
CA ARG A 237 -18.05 12.47 24.52
C ARG A 237 -16.85 12.15 23.64
N THR A 238 -17.14 11.54 22.50
CA THR A 238 -16.07 11.33 21.55
C THR A 238 -16.39 12.05 20.26
N LEU A 239 -15.40 12.74 19.72
CA LEU A 239 -15.54 13.40 18.42
C LEU A 239 -14.87 12.54 17.38
N ALA A 240 -15.51 12.42 16.23
CA ALA A 240 -14.94 11.66 15.13
C ALA A 240 -14.91 12.53 13.90
N CYS A 241 -13.78 12.55 13.21
CA CYS A 241 -13.61 13.36 12.03
C CYS A 241 -13.27 12.47 10.84
N LEU A 242 -14.07 12.53 9.79
CA LEU A 242 -13.78 11.78 8.58
C LEU A 242 -13.23 12.73 7.54
N ILE A 243 -12.01 12.48 7.10
CA ILE A 243 -11.37 13.31 6.10
C ILE A 243 -11.11 12.45 4.87
N GLN A 244 -11.64 12.86 3.72
CA GLN A 244 -11.62 11.96 2.58
C GLN A 244 -11.50 12.60 1.20
N ASN A 245 -11.14 11.74 0.26
CA ASN A 245 -11.09 12.04 -1.16
C ASN A 245 -9.93 12.96 -1.53
N PHE A 246 -8.91 12.99 -0.68
CA PHE A 246 -7.72 13.78 -0.95
C PHE A 246 -6.63 12.98 -1.67
N MET A 247 -5.77 13.70 -2.39
CA MET A 247 -4.63 13.12 -3.11
C MET A 247 -3.55 14.18 -3.20
N PRO A 248 -2.29 13.81 -2.96
CA PRO A 248 -1.79 12.48 -2.59
C PRO A 248 -2.20 12.13 -1.16
N GLU A 249 -1.67 11.03 -0.64
CA GLU A 249 -2.15 10.49 0.62
C GLU A 249 -1.58 11.19 1.85
N ASP A 250 -0.49 11.92 1.67
CA ASP A 250 0.14 12.63 2.78
C ASP A 250 -0.78 13.69 3.38
N ILE A 251 -1.01 13.59 4.68
CA ILE A 251 -1.94 14.50 5.36
C ILE A 251 -1.56 14.62 6.82
N SER A 252 -1.77 15.81 7.39
CA SER A 252 -1.61 16.03 8.81
C SER A 252 -2.95 16.47 9.41
N VAL A 253 -3.26 15.98 10.60
CA VAL A 253 -4.51 16.31 11.26
C VAL A 253 -4.24 16.90 12.64
N GLN A 254 -4.90 18.00 12.96
CA GLN A 254 -4.85 18.53 14.32
C GLN A 254 -6.24 18.87 14.81
N TRP A 255 -6.37 19.03 16.12
CA TRP A 255 -7.63 19.46 16.70
C TRP A 255 -7.33 20.72 17.46
N LEU A 256 -8.27 21.66 17.44
CA LEU A 256 -8.17 22.87 18.22
C LEU A 256 -9.40 23.03 19.09
N HIS A 257 -9.20 23.58 20.28
CA HIS A 257 -10.30 23.94 21.16
C HIS A 257 -9.96 25.25 21.86
N ASN A 258 -10.93 26.15 21.95
CA ASN A 258 -10.69 27.45 22.55
C ASN A 258 -9.52 28.16 21.87
N GLU A 259 -9.46 28.05 20.56
CA GLU A 259 -8.44 28.73 19.75
C GLU A 259 -7.02 28.17 19.90
N VAL A 260 -6.85 27.13 20.70
CA VAL A 260 -5.52 26.56 20.88
C VAL A 260 -5.42 25.15 20.32
N GLN A 261 -4.31 24.85 19.67
CA GLN A 261 -4.09 23.53 19.12
C GLN A 261 -3.78 22.55 20.24
N LEU A 262 -4.56 21.47 20.30
CA LEU A 262 -4.36 20.45 21.31
C LEU A 262 -3.09 19.64 21.08
N PRO A 263 -2.49 19.13 22.16
CA PRO A 263 -1.30 18.27 22.05
C PRO A 263 -1.57 17.06 21.17
N ASP A 264 -0.59 16.65 20.38
CA ASP A 264 -0.75 15.53 19.47
C ASP A 264 -1.28 14.29 20.18
N ALA A 265 -0.98 14.18 21.47
CA ALA A 265 -1.32 12.99 22.24
C ALA A 265 -2.81 12.87 22.58
N ARG A 266 -3.56 13.95 22.40
CA ARG A 266 -5.00 13.94 22.73
C ARG A 266 -5.80 13.11 21.74
N HIS A 267 -5.31 13.00 20.50
CA HIS A 267 -6.08 12.34 19.46
C HIS A 267 -5.31 11.24 18.75
N SER A 268 -6.01 10.54 17.89
CA SER A 268 -5.40 9.52 17.04
C SER A 268 -5.95 9.69 15.63
N THR A 269 -5.16 9.33 14.65
CA THR A 269 -5.63 9.36 13.27
C THR A 269 -5.23 8.06 12.60
N THR A 270 -6.14 7.47 11.84
CA THR A 270 -5.84 6.25 11.11
C THR A 270 -4.85 6.53 9.98
N GLN A 271 -4.15 5.49 9.51
CA GLN A 271 -3.29 5.62 8.34
C GLN A 271 -4.15 5.82 7.10
N PRO A 272 -3.70 6.67 6.18
CA PRO A 272 -4.47 6.90 4.95
C PRO A 272 -4.72 5.60 4.18
N ARG A 273 -5.95 5.41 3.72
CA ARG A 273 -6.29 4.25 2.92
C ARG A 273 -7.15 4.68 1.74
N LYS A 274 -7.15 3.88 0.68
CA LYS A 274 -7.90 4.25 -0.51
C LYS A 274 -9.40 4.22 -0.25
N THR A 275 -10.11 5.21 -0.79
CA THR A 275 -11.55 5.14 -0.91
C THR A 275 -11.83 4.14 -2.02
N LYS A 276 -13.09 3.92 -2.35
CA LYS A 276 -13.44 2.92 -3.36
C LYS A 276 -13.27 3.48 -4.77
N GLY A 277 -12.93 4.75 -4.85
CA GLY A 277 -12.70 5.39 -6.12
C GLY A 277 -11.41 6.19 -6.08
N SER A 278 -11.53 7.51 -6.21
CA SER A 278 -10.36 8.38 -6.20
C SER A 278 -10.01 8.84 -4.77
N GLY A 279 -8.73 8.79 -4.45
CA GLY A 279 -8.23 9.41 -3.24
C GLY A 279 -8.22 8.55 -1.99
N PHE A 280 -7.89 9.20 -0.88
CA PHE A 280 -7.67 8.50 0.37
C PHE A 280 -8.60 9.04 1.44
N PHE A 281 -8.69 8.33 2.57
CA PHE A 281 -9.43 8.83 3.72
C PHE A 281 -8.71 8.48 5.00
N VAL A 282 -8.94 9.25 6.04
CA VAL A 282 -8.49 8.91 7.38
C VAL A 282 -9.63 9.28 8.31
N PHE A 283 -9.62 8.66 9.49
CA PHE A 283 -10.54 8.99 10.56
C PHE A 283 -9.67 9.50 11.71
N SER A 284 -10.08 10.58 12.35
CA SER A 284 -9.38 11.05 13.54
C SER A 284 -10.35 11.05 14.71
N ARG A 285 -9.85 10.74 15.89
CA ARG A 285 -10.71 10.53 17.03
C ARG A 285 -10.21 11.35 18.23
N LEU A 286 -11.12 12.08 18.86
CA LEU A 286 -10.76 12.92 19.98
C LEU A 286 -11.76 12.77 21.12
N GLU A 287 -11.29 12.26 22.26
CA GLU A 287 -12.10 12.17 23.46
C GLU A 287 -12.11 13.53 24.14
N VAL A 288 -13.29 14.04 24.47
CA VAL A 288 -13.40 15.33 25.15
C VAL A 288 -14.19 15.21 26.45
N THR A 289 -14.08 16.24 27.29
CA THR A 289 -14.68 16.23 28.62
C THR A 289 -15.75 17.31 28.76
N ARG A 290 -16.69 17.09 29.66
CA ARG A 290 -17.73 18.07 29.94
C ARG A 290 -17.14 19.45 30.22
N ALA A 291 -16.04 19.48 30.97
CA ALA A 291 -15.39 20.74 31.34
C ALA A 291 -14.97 21.51 30.09
N GLU A 292 -14.52 20.77 29.09
CA GLU A 292 -14.12 21.39 27.84
C GLU A 292 -15.32 21.97 27.10
N TRP A 293 -16.34 21.16 26.82
CA TRP A 293 -17.44 21.66 26.00
C TRP A 293 -18.31 22.69 26.71
N GLU A 294 -18.30 22.67 28.04
CA GLU A 294 -19.04 23.66 28.82
C GLU A 294 -18.31 24.99 28.83
N GLN A 295 -16.99 24.93 28.72
CA GLN A 295 -16.18 26.15 28.59
C GLN A 295 -16.42 26.78 27.22
N LYS A 296 -16.32 25.97 26.17
CA LYS A 296 -16.67 26.45 24.85
C LYS A 296 -17.02 25.24 24.01
N ASP A 297 -18.26 25.18 23.55
CA ASP A 297 -18.73 24.01 22.82
C ASP A 297 -18.43 24.15 21.33
N GLU A 298 -17.15 24.07 20.99
CA GLU A 298 -16.70 24.06 19.59
C GLU A 298 -15.33 23.44 19.51
N PHE A 299 -15.21 22.40 18.70
CA PHE A 299 -13.93 21.71 18.52
C PHE A 299 -13.68 21.64 17.03
N ILE A 300 -12.45 21.96 16.62
CA ILE A 300 -12.12 22.04 15.22
C ILE A 300 -11.22 20.89 14.79
N CYS A 301 -11.65 20.17 13.78
CA CYS A 301 -10.83 19.13 13.17
C CYS A 301 -10.22 19.79 11.96
N ARG A 302 -8.90 19.87 11.92
CA ARG A 302 -8.22 20.61 10.86
C ARG A 302 -7.27 19.68 10.13
N ALA A 303 -7.34 19.69 8.80
CA ALA A 303 -6.41 18.95 7.98
C ALA A 303 -5.43 19.89 7.27
N VAL A 304 -4.16 19.51 7.23
CA VAL A 304 -3.17 20.24 6.46
C VAL A 304 -2.80 19.34 5.29
N HIS A 305 -2.95 19.85 4.07
CA HIS A 305 -2.75 19.05 2.87
C HIS A 305 -2.32 19.95 1.71
N GLU A 306 -1.39 19.46 0.91
CA GLU A 306 -0.82 20.28 -0.18
C GLU A 306 -1.85 20.77 -1.18
N ALA A 307 -2.96 20.03 -1.32
CA ALA A 307 -4.01 20.37 -2.27
C ALA A 307 -5.04 21.38 -1.75
N ALA A 308 -5.05 21.61 -0.44
CA ALA A 308 -5.98 22.56 0.14
C ALA A 308 -5.51 24.00 -0.07
N SER A 309 -6.43 24.92 -0.22
CA SER A 309 -6.06 26.33 -0.36
C SER A 309 -7.09 27.23 0.31
N PRO A 310 -6.70 28.47 0.62
CA PRO A 310 -5.45 29.13 0.21
C PRO A 310 -4.14 28.65 0.86
N SER A 311 -4.20 28.18 2.10
CA SER A 311 -2.96 27.93 2.86
C SER A 311 -2.79 26.48 3.29
N GLN A 312 -3.07 25.56 2.37
CA GLN A 312 -2.87 24.13 2.61
C GLN A 312 -3.69 23.63 3.79
N THR A 313 -4.83 24.28 4.04
CA THR A 313 -5.63 23.97 5.21
C THR A 313 -7.12 23.90 4.91
N VAL A 314 -7.78 22.90 5.47
CA VAL A 314 -9.23 22.79 5.41
C VAL A 314 -9.67 22.21 6.75
N GLN A 315 -10.77 22.73 7.31
CA GLN A 315 -11.20 22.33 8.65
C GLN A 315 -12.72 22.31 8.79
N ARG A 316 -13.18 21.65 9.84
CA ARG A 316 -14.60 21.59 10.15
C ARG A 316 -14.77 21.53 11.65
N ALA A 317 -15.61 22.41 12.19
CA ALA A 317 -15.91 22.40 13.60
C ALA A 317 -17.10 21.51 13.88
N VAL A 318 -17.17 21.04 15.12
CA VAL A 318 -18.30 20.26 15.60
C VAL A 318 -18.58 20.69 17.04
N SER A 319 -19.85 20.65 17.42
CA SER A 319 -20.23 20.94 18.79
C SER A 319 -20.93 19.73 19.39
N VAL A 320 -20.78 19.57 20.70
CA VAL A 320 -21.43 18.49 21.43
C VAL A 320 -22.96 18.67 21.46
N ASN A 321 -23.39 19.91 21.64
CA ASN A 321 -24.82 20.19 21.76
C ASN A 321 -25.35 21.10 20.65
N PRO A 322 -26.65 20.97 20.34
CA PRO A 322 -27.34 21.79 19.33
C PRO A 322 -27.17 23.28 19.58
N CYS B 1 -9.62 -6.93 -44.79
CA CYS B 1 -9.47 -8.34 -45.10
C CYS B 1 -9.20 -9.14 -43.84
N SER B 2 -10.10 -10.07 -43.53
CA SER B 2 -10.05 -10.82 -42.27
C SER B 2 -8.72 -11.52 -42.03
N ARG B 3 -8.11 -12.03 -43.11
CA ARG B 3 -6.86 -12.78 -42.96
C ARG B 3 -5.74 -11.90 -42.43
N ASP B 4 -5.92 -10.58 -42.55
CA ASP B 4 -4.92 -9.62 -42.10
C ASP B 4 -5.23 -9.08 -40.70
N PHE B 5 -6.39 -9.44 -40.16
CA PHE B 5 -6.75 -9.00 -38.82
C PHE B 5 -5.63 -9.37 -37.84
N THR B 6 -5.17 -8.37 -37.09
CA THR B 6 -4.08 -8.57 -36.15
C THR B 6 -4.53 -8.23 -34.73
N PRO B 7 -4.58 -9.24 -33.86
CA PRO B 7 -4.99 -9.03 -32.46
C PRO B 7 -3.90 -8.34 -31.66
N PRO B 8 -4.28 -7.52 -30.67
CA PRO B 8 -3.23 -6.88 -29.87
C PRO B 8 -2.56 -7.90 -28.97
N THR B 9 -1.27 -7.72 -28.72
CA THR B 9 -0.62 -8.41 -27.61
C THR B 9 -0.18 -7.36 -26.59
N VAL B 10 -0.03 -7.79 -25.35
CA VAL B 10 0.24 -6.86 -24.26
C VAL B 10 1.51 -7.24 -23.50
N LYS B 11 2.33 -6.22 -23.25
CA LYS B 11 3.63 -6.40 -22.64
C LYS B 11 3.81 -5.21 -21.71
N ILE B 12 4.39 -5.43 -20.53
CA ILE B 12 4.67 -4.31 -19.63
C ILE B 12 6.17 -4.15 -19.43
N LEU B 13 6.66 -2.93 -19.59
CA LEU B 13 8.04 -2.61 -19.29
C LEU B 13 8.06 -1.76 -18.03
N GLN B 14 9.21 -1.71 -17.37
CA GLN B 14 9.30 -0.91 -16.16
C GLN B 14 10.55 -0.06 -16.13
N SER B 15 10.47 1.05 -15.40
CA SER B 15 11.63 1.86 -15.07
C SER B 15 12.74 0.95 -14.58
N SER B 16 13.95 1.14 -15.08
CA SER B 16 15.10 0.33 -14.67
C SER B 16 15.69 0.82 -13.36
N CYS B 17 16.35 -0.08 -12.63
CA CYS B 17 17.16 0.37 -11.51
C CYS B 17 18.42 1.01 -12.05
N ASP B 18 19.11 1.76 -11.20
CA ASP B 18 20.35 2.42 -11.61
C ASP B 18 21.53 1.45 -11.66
N GLY B 19 22.71 1.97 -11.92
CA GLY B 19 23.90 1.15 -12.09
C GLY B 19 24.33 0.47 -10.80
N GLY B 20 23.74 0.90 -9.69
CA GLY B 20 24.03 0.28 -8.40
C GLY B 20 23.02 -0.79 -8.04
N GLY B 21 22.01 -0.97 -8.87
CA GLY B 21 20.93 -1.90 -8.58
C GLY B 21 19.85 -1.32 -7.69
N HIS B 22 19.78 0.01 -7.60
CA HIS B 22 18.82 0.67 -6.70
C HIS B 22 17.62 1.20 -7.45
N PHE B 23 16.45 1.12 -6.82
CA PHE B 23 15.24 1.69 -7.41
C PHE B 23 15.27 3.22 -7.50
N PRO B 24 14.69 3.76 -8.59
CA PRO B 24 14.40 5.18 -8.68
C PRO B 24 13.32 5.52 -7.64
N PRO B 25 13.16 6.82 -7.33
CA PRO B 25 12.15 7.28 -6.35
C PRO B 25 10.74 7.03 -6.83
N THR B 26 10.56 7.02 -8.15
CA THR B 26 9.27 6.66 -8.75
C THR B 26 9.47 5.60 -9.83
N ILE B 27 8.50 4.72 -9.96
CA ILE B 27 8.52 3.63 -10.94
C ILE B 27 7.48 3.90 -12.01
N GLN B 28 7.89 3.85 -13.28
CA GLN B 28 6.90 3.90 -14.36
C GLN B 28 6.66 2.50 -14.89
N LEU B 29 5.39 2.14 -15.03
CA LEU B 29 5.03 0.92 -15.73
C LEU B 29 4.49 1.34 -17.06
N LEU B 30 5.06 0.81 -18.14
CA LEU B 30 4.67 1.18 -19.48
C LEU B 30 4.01 0.02 -20.20
N CYS B 31 2.70 0.08 -20.33
CA CYS B 31 1.97 -1.00 -20.95
C CYS B 31 1.97 -0.80 -22.46
N LEU B 32 2.65 -1.68 -23.18
CA LEU B 32 2.73 -1.58 -24.64
C LEU B 32 1.76 -2.55 -25.30
N VAL B 33 0.92 -1.99 -26.16
CA VAL B 33 0.01 -2.79 -26.97
C VAL B 33 0.56 -2.89 -28.38
N SER B 34 1.01 -4.08 -28.75
CA SER B 34 1.65 -4.32 -30.04
C SER B 34 0.72 -4.04 -31.22
N GLY B 35 1.31 -3.59 -32.33
CA GLY B 35 0.58 -3.27 -33.54
C GLY B 35 -0.62 -4.16 -33.80
N TYR B 36 -1.79 -3.54 -33.91
CA TYR B 36 -3.04 -4.25 -34.07
C TYR B 36 -3.93 -3.53 -35.07
N THR B 37 -4.87 -4.27 -35.66
CA THR B 37 -5.84 -3.68 -36.56
C THR B 37 -6.57 -2.53 -35.88
N PRO B 38 -6.59 -1.36 -36.53
CA PRO B 38 -7.23 -0.18 -35.95
C PRO B 38 -8.66 -0.45 -35.50
N GLY B 39 -9.03 0.15 -34.38
CA GLY B 39 -10.35 -0.03 -33.80
C GLY B 39 -10.36 0.44 -32.36
N THR B 40 -11.52 0.83 -31.86
CA THR B 40 -11.64 1.36 -30.51
C THR B 40 -10.85 0.51 -29.50
N ILE B 41 -10.17 1.18 -28.58
CA ILE B 41 -9.38 0.49 -27.58
C ILE B 41 -9.48 1.21 -26.24
N GLN B 42 -9.44 0.47 -25.15
CA GLN B 42 -9.40 1.10 -23.84
C GLN B 42 -8.44 0.37 -22.91
N ILE B 43 -7.62 1.14 -22.19
CA ILE B 43 -6.67 0.58 -21.25
C ILE B 43 -7.07 0.90 -19.82
N THR B 44 -7.12 -0.14 -18.99
CA THR B 44 -7.45 0.00 -17.58
C THR B 44 -6.33 -0.62 -16.73
N TRP B 45 -5.90 0.10 -15.70
CA TRP B 45 -4.92 -0.45 -14.78
C TRP B 45 -5.61 -0.98 -13.53
N LEU B 46 -5.14 -2.11 -13.02
CA LEU B 46 -5.65 -2.67 -11.78
C LEU B 46 -4.53 -2.79 -10.77
N GLU B 47 -4.84 -2.49 -9.51
CA GLU B 47 -3.90 -2.72 -8.41
C GLU B 47 -4.44 -3.84 -7.53
N ASP B 48 -3.73 -4.95 -7.47
CA ASP B 48 -4.23 -6.14 -6.79
C ASP B 48 -5.71 -6.38 -7.10
N GLY B 49 -6.07 -6.26 -8.39
CA GLY B 49 -7.42 -6.56 -8.83
C GLY B 49 -8.39 -5.39 -8.89
N GLN B 50 -8.08 -4.31 -8.16
CA GLN B 50 -8.97 -3.16 -8.08
C GLN B 50 -8.69 -2.17 -9.20
N VAL B 51 -9.74 -1.68 -9.85
CA VAL B 51 -9.58 -0.64 -10.88
C VAL B 51 -8.92 0.60 -10.26
N MET B 52 -7.85 1.07 -10.89
CA MET B 52 -7.20 2.30 -10.46
C MET B 52 -7.78 3.45 -11.26
N ASP B 53 -7.89 4.63 -10.65
CA ASP B 53 -8.47 5.76 -11.37
C ASP B 53 -7.58 6.19 -12.54
N VAL B 54 -8.23 6.51 -13.65
CA VAL B 54 -7.53 6.83 -14.89
C VAL B 54 -6.56 8.01 -14.70
N ASP B 55 -6.74 8.75 -13.62
CA ASP B 55 -5.90 9.92 -13.35
C ASP B 55 -4.43 9.56 -13.18
N LEU B 56 -4.19 8.35 -12.66
CA LEU B 56 -2.82 7.89 -12.37
C LEU B 56 -2.04 7.47 -13.61
N SER B 57 -2.74 7.27 -14.72
CA SER B 57 -2.09 6.85 -15.96
C SER B 57 -2.40 7.78 -17.14
N THR B 58 -1.57 7.69 -18.17
CA THR B 58 -1.83 8.36 -19.43
C THR B 58 -1.78 7.34 -20.57
N ALA B 59 -2.58 7.56 -21.59
CA ALA B 59 -2.60 6.67 -22.75
C ALA B 59 -2.36 7.46 -24.03
N SER B 60 -1.70 6.81 -24.99
CA SER B 60 -1.42 7.43 -26.29
C SER B 60 -1.53 6.37 -27.38
N THR B 61 -2.30 6.68 -28.41
CA THR B 61 -2.40 5.79 -29.56
C THR B 61 -1.76 6.40 -30.79
N THR B 62 -0.96 5.60 -31.49
CA THR B 62 -0.36 5.99 -32.74
C THR B 62 -0.73 4.97 -33.80
N GLN B 63 -1.03 5.44 -35.01
CA GLN B 63 -1.16 4.53 -36.14
C GLN B 63 -0.11 4.86 -37.19
N GLU B 64 0.56 3.82 -37.67
CA GLU B 64 1.56 3.97 -38.70
C GLU B 64 1.39 2.84 -39.70
N GLY B 65 0.98 3.20 -40.91
CA GLY B 65 0.59 2.21 -41.89
C GLY B 65 -0.80 1.72 -41.56
N GLU B 66 -0.97 0.40 -41.57
CA GLU B 66 -2.29 -0.17 -41.33
C GLU B 66 -2.39 -0.79 -39.93
N LEU B 67 -1.42 -0.50 -39.07
CA LEU B 67 -1.43 -1.03 -37.71
C LEU B 67 -1.41 0.08 -36.67
N ALA B 68 -2.31 -0.04 -35.69
CA ALA B 68 -2.34 0.90 -34.57
C ALA B 68 -1.53 0.36 -33.41
N SER B 69 -0.85 1.26 -32.70
CA SER B 69 -0.11 0.91 -31.51
C SER B 69 -0.48 1.85 -30.38
N THR B 70 -0.61 1.31 -29.18
CA THR B 70 -1.03 2.08 -28.02
C THR B 70 -0.17 1.76 -26.82
N GLN B 71 0.14 2.79 -26.04
CA GLN B 71 0.86 2.59 -24.80
C GLN B 71 0.20 3.39 -23.69
N SER B 72 0.30 2.88 -22.46
CA SER B 72 -0.21 3.59 -21.31
C SER B 72 0.86 3.55 -20.22
N GLU B 73 1.14 4.70 -19.62
CA GLU B 73 2.15 4.77 -18.58
C GLU B 73 1.52 5.02 -17.23
N LEU B 74 1.81 4.13 -16.28
CA LEU B 74 1.35 4.28 -14.91
C LEU B 74 2.54 4.65 -14.04
N THR B 75 2.40 5.66 -13.19
CA THR B 75 3.50 6.06 -12.31
C THR B 75 3.21 5.74 -10.85
N LEU B 76 4.19 5.16 -10.18
CA LEU B 76 4.03 4.71 -8.81
C LEU B 76 5.19 5.21 -7.96
N SER B 77 4.96 5.41 -6.67
CA SER B 77 6.05 5.76 -5.77
C SER B 77 6.89 4.52 -5.48
N GLN B 78 8.16 4.74 -5.13
CA GLN B 78 9.04 3.64 -4.77
C GLN B 78 8.41 2.87 -3.61
N LYS B 79 7.85 3.62 -2.67
CA LYS B 79 7.22 3.02 -1.50
C LYS B 79 6.21 1.96 -1.93
N HIS B 80 5.30 2.35 -2.83
CA HIS B 80 4.24 1.45 -3.27
C HIS B 80 4.74 0.26 -4.05
N TRP B 81 5.75 0.46 -4.87
CA TRP B 81 6.36 -0.64 -5.62
C TRP B 81 6.93 -1.66 -4.63
N LEU B 82 7.59 -1.15 -3.60
CA LEU B 82 8.29 -2.00 -2.64
C LEU B 82 7.33 -2.73 -1.71
N SER B 83 6.07 -2.31 -1.71
CA SER B 83 5.05 -2.97 -0.90
C SER B 83 4.57 -4.24 -1.59
N ASP B 84 5.15 -4.54 -2.75
CA ASP B 84 4.92 -5.81 -3.42
C ASP B 84 3.53 -6.01 -4.00
N ARG B 85 2.86 -4.90 -4.35
CA ARG B 85 1.55 -4.98 -4.96
C ARG B 85 1.65 -5.43 -6.41
N THR B 86 0.60 -6.04 -6.92
CA THR B 86 0.58 -6.49 -8.31
C THR B 86 -0.22 -5.54 -9.17
N TYR B 87 0.33 -5.16 -10.32
CA TYR B 87 -0.35 -4.26 -11.23
C TYR B 87 -0.72 -4.95 -12.52
N THR B 88 -1.94 -4.70 -12.98
CA THR B 88 -2.48 -5.33 -14.17
C THR B 88 -2.82 -4.28 -15.22
N CYS B 89 -2.36 -4.51 -16.44
CA CYS B 89 -2.75 -3.69 -17.57
C CYS B 89 -3.83 -4.45 -18.34
N GLN B 90 -5.03 -3.87 -18.40
CA GLN B 90 -6.18 -4.51 -19.02
C GLN B 90 -6.60 -3.79 -20.29
N VAL B 91 -6.56 -4.52 -21.41
CA VAL B 91 -6.89 -3.93 -22.70
C VAL B 91 -8.19 -4.52 -23.24
N THR B 92 -9.16 -3.65 -23.51
CA THR B 92 -10.41 -4.10 -24.12
C THR B 92 -10.44 -3.69 -25.58
N TYR B 93 -10.51 -4.68 -26.47
CA TYR B 93 -10.46 -4.43 -27.90
C TYR B 93 -11.47 -5.24 -28.69
N GLN B 94 -12.32 -4.54 -29.44
CA GLN B 94 -13.40 -5.14 -30.23
C GLN B 94 -13.97 -6.44 -29.66
N GLY B 95 -14.50 -6.36 -28.44
CA GLY B 95 -15.15 -7.51 -27.83
C GLY B 95 -14.48 -8.00 -26.56
N HIS B 96 -13.56 -8.95 -26.71
CA HIS B 96 -12.90 -9.55 -25.56
C HIS B 96 -11.73 -8.71 -25.07
N THR B 97 -11.16 -9.11 -23.93
CA THR B 97 -10.08 -8.35 -23.31
C THR B 97 -8.77 -9.13 -23.29
N PHE B 98 -7.67 -8.38 -23.24
CA PHE B 98 -6.33 -8.94 -23.13
C PHE B 98 -5.71 -8.30 -21.90
N GLU B 99 -4.79 -9.01 -21.24
CA GLU B 99 -4.18 -8.44 -20.04
C GLU B 99 -2.80 -9.00 -19.71
N ASP B 100 -2.05 -8.23 -18.93
CA ASP B 100 -0.74 -8.65 -18.45
C ASP B 100 -0.52 -8.03 -17.09
N SER B 101 0.28 -8.69 -16.26
CA SER B 101 0.49 -8.21 -14.90
C SER B 101 1.96 -8.21 -14.55
N THR B 102 2.31 -7.42 -13.53
CA THR B 102 3.68 -7.35 -13.06
C THR B 102 3.71 -6.98 -11.59
N LYS B 103 4.79 -7.37 -10.93
CA LYS B 103 5.10 -6.84 -9.62
C LYS B 103 6.62 -6.80 -9.48
N LYS B 104 7.10 -6.16 -8.42
CA LYS B 104 8.53 -6.15 -8.10
C LYS B 104 9.09 -7.55 -8.26
N CYS B 105 10.24 -7.69 -8.95
CA CYS B 105 10.85 -9.01 -9.08
C CYS B 105 11.11 -9.60 -7.69
N ALA B 106 10.98 -10.92 -7.58
CA ALA B 106 11.20 -11.59 -6.30
C ALA B 106 12.66 -11.51 -5.86
N ASP B 107 12.89 -11.45 -4.55
CA ASP B 107 14.26 -11.44 -4.04
C ASP B 107 14.98 -12.75 -4.38
N SER B 108 16.32 -12.70 -4.34
CA SER B 108 17.14 -13.83 -4.73
C SER B 108 16.83 -15.10 -3.97
N ASN B 109 16.98 -15.06 -2.64
CA ASN B 109 16.67 -16.21 -1.82
C ASN B 109 15.33 -16.09 -1.13
N PRO B 110 14.33 -16.86 -1.59
CA PRO B 110 13.06 -16.97 -0.89
C PRO B 110 13.29 -17.51 0.51
N ARG B 111 12.90 -16.74 1.52
CA ARG B 111 13.14 -17.11 2.92
C ARG B 111 12.28 -18.27 3.40
N GLY B 112 12.44 -18.61 4.67
CA GLY B 112 11.87 -19.83 5.22
C GLY B 112 10.39 -19.81 5.57
N VAL B 113 9.92 -20.97 6.03
CA VAL B 113 8.53 -21.17 6.39
C VAL B 113 8.15 -20.44 7.67
N SER B 114 6.91 -19.95 7.71
CA SER B 114 6.36 -19.39 8.93
C SER B 114 4.92 -19.86 9.12
N ALA B 115 4.45 -19.84 10.37
CA ALA B 115 3.12 -20.31 10.69
C ALA B 115 2.37 -19.35 11.60
N TYR B 116 1.06 -19.23 11.37
CA TYR B 116 0.20 -18.35 12.15
C TYR B 116 -1.01 -19.10 12.67
N LEU B 117 -1.47 -18.75 13.86
CA LEU B 117 -2.63 -19.40 14.46
C LEU B 117 -3.61 -18.35 14.97
N SER B 118 -4.85 -18.41 14.50
CA SER B 118 -5.84 -17.39 14.86
C SER B 118 -6.88 -17.89 15.85
N ARG B 119 -7.38 -16.98 16.68
CA ARG B 119 -8.48 -17.27 17.58
C ARG B 119 -9.79 -17.30 16.80
N PRO B 120 -10.84 -17.89 17.38
CA PRO B 120 -12.14 -17.88 16.69
C PRO B 120 -12.63 -16.44 16.56
N SER B 121 -13.41 -16.14 15.53
CA SER B 121 -13.99 -14.80 15.44
C SER B 121 -15.22 -14.74 16.32
N PRO B 122 -15.48 -13.56 16.92
CA PRO B 122 -16.72 -13.38 17.68
C PRO B 122 -17.96 -13.73 16.88
N PHE B 123 -17.94 -13.43 15.57
CA PHE B 123 -19.07 -13.79 14.74
C PHE B 123 -19.30 -15.30 14.74
N ASP B 124 -18.23 -16.07 14.52
CA ASP B 124 -18.36 -17.53 14.52
C ASP B 124 -18.72 -18.07 15.90
N LEU B 125 -18.13 -17.44 16.92
CA LEU B 125 -18.33 -17.87 18.28
C LEU B 125 -19.76 -17.62 18.76
N PHE B 126 -20.33 -16.46 18.42
CA PHE B 126 -21.60 -16.05 18.99
C PHE B 126 -22.78 -15.99 18.03
N ILE B 127 -22.51 -15.76 16.75
CA ILE B 127 -23.60 -15.69 15.78
C ILE B 127 -23.80 -17.04 15.08
N ARG B 128 -22.73 -17.54 14.46
CA ARG B 128 -22.82 -18.82 13.77
C ARG B 128 -22.84 -19.96 14.77
N LYS B 129 -22.24 -19.71 15.95
CA LYS B 129 -22.11 -20.71 17.01
C LYS B 129 -21.36 -21.96 16.54
N SER B 130 -20.38 -21.73 15.67
CA SER B 130 -19.46 -22.76 15.20
C SER B 130 -18.06 -22.19 15.17
N PRO B 131 -17.43 -22.01 16.35
CA PRO B 131 -16.10 -21.41 16.35
C PRO B 131 -15.04 -22.36 15.77
N THR B 132 -14.07 -21.80 15.07
CA THR B 132 -12.92 -22.58 14.61
C THR B 132 -11.66 -21.78 14.84
N ILE B 133 -10.53 -22.47 14.86
CA ILE B 133 -9.24 -21.80 14.82
C ILE B 133 -8.49 -22.26 13.58
N THR B 134 -7.63 -21.39 13.06
CA THR B 134 -6.93 -21.70 11.82
C THR B 134 -5.42 -21.59 11.93
N CYS B 135 -4.74 -22.66 11.53
CA CYS B 135 -3.29 -22.67 11.47
C CYS B 135 -2.87 -22.51 10.02
N LEU B 136 -2.14 -21.42 9.74
CA LEU B 136 -1.73 -21.09 8.39
C LEU B 136 -0.23 -21.23 8.25
N VAL B 137 0.20 -22.05 7.30
CA VAL B 137 1.63 -22.24 7.05
C VAL B 137 2.00 -21.63 5.71
N VAL B 138 2.96 -20.72 5.71
CA VAL B 138 3.29 -20.00 4.48
C VAL B 138 4.75 -20.14 4.04
N ASP B 139 5.01 -19.74 2.80
CA ASP B 139 6.36 -19.69 2.23
C ASP B 139 7.02 -21.05 2.04
N LEU B 140 6.20 -22.09 1.93
CA LEU B 140 6.72 -23.42 1.70
C LEU B 140 7.30 -23.56 0.30
N ALA B 141 8.38 -24.32 0.19
CA ALA B 141 8.96 -24.65 -1.11
C ALA B 141 8.45 -26.04 -1.53
N PRO B 142 7.65 -26.08 -2.60
CA PRO B 142 6.95 -27.28 -3.08
C PRO B 142 7.85 -28.49 -3.33
N SER B 143 7.20 -29.61 -3.66
CA SER B 143 7.89 -30.82 -4.12
C SER B 143 8.95 -31.37 -3.18
N LYS B 144 8.82 -31.05 -1.89
CA LYS B 144 9.71 -31.61 -0.88
C LYS B 144 9.01 -32.72 -0.11
N GLY B 145 8.75 -32.46 1.17
CA GLY B 145 8.03 -33.38 2.02
C GLY B 145 6.54 -33.18 1.90
N THR B 146 5.90 -32.80 3.00
CA THR B 146 4.45 -32.63 3.02
C THR B 146 4.00 -31.64 4.08
N VAL B 147 4.92 -31.27 4.98
CA VAL B 147 4.55 -30.44 6.12
C VAL B 147 3.53 -30.84 7.18
N GLN B 148 3.85 -31.87 7.94
CA GLN B 148 2.98 -32.24 9.03
C GLN B 148 2.40 -31.19 9.97
N LEU B 149 1.08 -31.22 10.13
CA LEU B 149 0.38 -30.24 10.93
C LEU B 149 -0.52 -30.99 11.91
N THR B 150 -0.21 -30.89 13.21
CA THR B 150 -0.93 -31.64 14.22
C THR B 150 -1.52 -30.75 15.31
N TRP B 151 -2.78 -30.98 15.64
CA TRP B 151 -3.46 -30.19 16.65
C TRP B 151 -3.48 -30.91 17.97
N SER B 152 -3.43 -30.17 19.06
CA SER B 152 -3.60 -30.76 20.38
C SER B 152 -4.15 -29.74 21.37
N ARG B 153 -4.71 -30.25 22.47
CA ARG B 153 -5.22 -29.41 23.55
C ARG B 153 -4.35 -29.54 24.80
N ALA B 154 -4.21 -28.45 25.54
CA ALA B 154 -3.39 -28.45 26.75
C ALA B 154 -3.93 -29.45 27.76
N SER B 155 -5.25 -29.62 27.78
CA SER B 155 -5.88 -30.53 28.73
C SER B 155 -5.60 -32.00 28.39
N GLY B 156 -5.12 -32.25 27.18
CA GLY B 156 -4.87 -33.60 26.73
C GLY B 156 -6.11 -34.25 26.14
N LYS B 157 -7.22 -33.52 26.16
CA LYS B 157 -8.47 -34.00 25.60
C LYS B 157 -8.39 -34.04 24.07
N PRO B 158 -9.21 -34.90 23.45
CA PRO B 158 -9.12 -35.13 22.00
C PRO B 158 -9.47 -33.89 21.17
N VAL B 159 -8.83 -33.75 20.02
CA VAL B 159 -9.24 -32.71 19.07
C VAL B 159 -10.17 -33.31 18.03
N ASN B 160 -11.04 -32.49 17.48
CA ASN B 160 -11.87 -32.93 16.36
C ASN B 160 -11.05 -33.09 15.07
N HIS B 161 -11.63 -33.70 14.06
CA HIS B 161 -10.96 -33.75 12.76
C HIS B 161 -10.85 -32.34 12.17
N SER B 162 -9.69 -32.04 11.57
CA SER B 162 -9.50 -30.73 10.96
C SER B 162 -9.54 -30.85 9.45
N THR B 163 -9.75 -29.74 8.76
CA THR B 163 -9.71 -29.76 7.31
C THR B 163 -8.36 -29.22 6.89
N ARG B 164 -7.89 -29.64 5.72
CA ARG B 164 -6.58 -29.21 5.27
C ARG B 164 -6.61 -28.88 3.80
N LYS B 165 -6.09 -27.71 3.47
CA LYS B 165 -6.10 -27.22 2.10
C LYS B 165 -4.71 -26.75 1.76
N GLU B 166 -4.18 -27.22 0.63
CA GLU B 166 -2.90 -26.75 0.13
C GLU B 166 -3.13 -25.94 -1.14
N GLU B 167 -2.53 -24.76 -1.20
CA GLU B 167 -2.70 -23.88 -2.36
C GLU B 167 -1.36 -23.40 -2.89
N LYS B 168 -1.16 -23.59 -4.19
CA LYS B 168 0.02 -23.06 -4.87
C LYS B 168 -0.20 -21.57 -5.16
N GLN B 169 0.77 -20.75 -4.75
CA GLN B 169 0.63 -19.30 -4.89
C GLN B 169 1.36 -18.84 -6.15
N ARG B 170 1.02 -17.64 -6.61
CA ARG B 170 1.61 -17.09 -7.84
C ARG B 170 3.12 -16.96 -7.75
N ASN B 171 3.62 -16.57 -6.59
CA ASN B 171 5.06 -16.40 -6.41
C ASN B 171 5.80 -17.73 -6.27
N GLY B 172 5.09 -18.82 -6.49
CA GLY B 172 5.70 -20.14 -6.52
C GLY B 172 5.69 -20.83 -5.16
N THR B 173 5.28 -20.11 -4.13
CA THR B 173 5.25 -20.67 -2.79
C THR B 173 4.03 -21.57 -2.58
N LEU B 174 4.01 -22.25 -1.43
CA LEU B 174 2.87 -23.07 -1.05
C LEU B 174 2.38 -22.61 0.30
N THR B 175 1.06 -22.52 0.43
CA THR B 175 0.46 -22.29 1.74
C THR B 175 -0.37 -23.52 2.12
N VAL B 176 -0.34 -23.88 3.39
CA VAL B 176 -1.14 -24.97 3.91
C VAL B 176 -2.00 -24.44 5.05
N THR B 177 -3.31 -24.59 4.91
CA THR B 177 -4.25 -24.08 5.89
C THR B 177 -5.00 -25.22 6.53
N SER B 178 -4.92 -25.32 7.86
CA SER B 178 -5.69 -26.30 8.61
C SER B 178 -6.68 -25.57 9.52
N THR B 179 -7.95 -25.92 9.39
CA THR B 179 -8.99 -25.33 10.23
C THR B 179 -9.54 -26.36 11.19
N LEU B 180 -9.53 -26.04 12.48
CA LEU B 180 -10.02 -26.94 13.52
C LEU B 180 -11.25 -26.37 14.23
N PRO B 181 -12.34 -27.13 14.21
CA PRO B 181 -13.53 -26.79 15.01
C PRO B 181 -13.21 -26.92 16.49
N VAL B 182 -13.64 -25.97 17.31
CA VAL B 182 -13.42 -26.07 18.75
C VAL B 182 -14.74 -26.04 19.51
N GLY B 183 -14.81 -26.72 20.65
CA GLY B 183 -16.02 -26.69 21.46
C GLY B 183 -16.25 -25.29 21.99
N THR B 184 -17.52 -24.87 22.03
CA THR B 184 -17.81 -23.50 22.46
C THR B 184 -17.49 -23.35 23.93
N ARG B 185 -18.03 -24.24 24.74
CA ARG B 185 -17.73 -24.23 26.18
C ARG B 185 -16.23 -24.36 26.39
N ASP B 186 -15.62 -25.28 25.66
CA ASP B 186 -14.19 -25.52 25.74
C ASP B 186 -13.41 -24.22 25.56
N TRP B 187 -13.71 -23.51 24.46
CA TRP B 187 -12.99 -22.27 24.17
C TRP B 187 -13.23 -21.21 25.23
N ILE B 188 -14.50 -20.97 25.54
CA ILE B 188 -14.86 -19.90 26.46
C ILE B 188 -14.29 -20.11 27.85
N GLU B 189 -14.14 -21.37 28.26
CA GLU B 189 -13.58 -21.66 29.59
C GLU B 189 -12.07 -21.80 29.62
N GLY B 190 -11.42 -21.40 28.53
CA GLY B 190 -9.98 -21.20 28.54
C GLY B 190 -9.09 -22.35 28.12
N GLU B 191 -9.59 -23.23 27.27
CA GLU B 191 -8.74 -24.29 26.72
C GLU B 191 -7.63 -23.68 25.87
N THR B 192 -6.49 -24.36 25.82
CA THR B 192 -5.39 -23.90 24.99
C THR B 192 -5.14 -24.90 23.87
N TYR B 193 -5.12 -24.39 22.65
CA TYR B 193 -4.94 -25.22 21.47
C TYR B 193 -3.58 -24.97 20.86
N GLN B 194 -2.92 -26.04 20.43
CA GLN B 194 -1.62 -25.93 19.81
C GLN B 194 -1.62 -26.51 18.40
N CYS B 195 -1.04 -25.75 17.47
CA CYS B 195 -0.73 -26.25 16.15
C CYS B 195 0.76 -26.55 16.07
N ARG B 196 1.11 -27.79 15.76
CA ARG B 196 2.52 -28.16 15.64
C ARG B 196 2.85 -28.50 14.20
N VAL B 197 3.88 -27.85 13.68
CA VAL B 197 4.26 -27.94 12.27
C VAL B 197 5.66 -28.53 12.10
N THR B 198 5.78 -29.51 11.22
CA THR B 198 7.08 -30.11 10.94
C THR B 198 7.26 -30.33 9.44
N HIS B 199 8.50 -30.24 8.99
CA HIS B 199 8.84 -30.59 7.62
C HIS B 199 10.33 -30.89 7.52
N PRO B 200 10.72 -31.81 6.63
CA PRO B 200 12.11 -32.15 6.38
C PRO B 200 13.01 -30.92 6.24
N HIS B 201 12.55 -29.91 5.52
CA HIS B 201 13.33 -28.69 5.29
C HIS B 201 13.30 -27.77 6.51
N LEU B 202 12.68 -28.24 7.59
CA LEU B 202 12.61 -27.46 8.82
C LEU B 202 13.48 -28.09 9.90
N PRO B 203 14.34 -27.28 10.52
CA PRO B 203 15.28 -27.75 11.54
C PRO B 203 14.64 -28.27 12.83
N ARG B 204 13.85 -27.42 13.46
CA ARG B 204 13.05 -27.83 14.62
C ARG B 204 11.59 -27.44 14.39
N ALA B 205 10.68 -28.15 15.06
CA ALA B 205 9.25 -27.95 14.86
C ALA B 205 8.81 -26.52 15.18
N LEU B 206 7.85 -26.03 14.40
CA LEU B 206 7.14 -24.79 14.72
C LEU B 206 5.97 -25.13 15.61
N MET B 207 5.80 -24.40 16.71
CA MET B 207 4.70 -24.64 17.62
C MET B 207 3.99 -23.35 17.99
N ARG B 208 2.71 -23.28 17.63
CA ARG B 208 1.90 -22.10 17.92
C ARG B 208 0.73 -22.48 18.81
N SER B 209 0.38 -21.60 19.73
CA SER B 209 -0.71 -21.88 20.63
C SER B 209 -1.66 -20.70 20.70
N THR B 210 -2.91 -20.99 21.04
CA THR B 210 -3.94 -19.95 21.10
C THR B 210 -4.92 -20.29 22.21
N THR B 211 -5.40 -19.25 22.88
CA THR B 211 -6.34 -19.40 23.98
C THR B 211 -7.08 -18.09 24.16
N LYS B 212 -8.22 -18.12 24.86
CA LYS B 212 -9.01 -16.91 25.03
C LYS B 212 -8.22 -15.83 25.77
N THR B 213 -8.34 -14.59 25.30
CA THR B 213 -7.65 -13.46 25.92
C THR B 213 -8.18 -13.23 27.33
N SER B 214 -7.27 -13.15 28.29
CA SER B 214 -7.65 -12.91 29.68
C SER B 214 -7.85 -11.43 29.97
N GLY B 215 -8.16 -11.11 31.22
CA GLY B 215 -8.21 -9.72 31.65
C GLY B 215 -9.60 -9.13 31.68
N PRO B 216 -9.66 -7.80 31.79
CA PRO B 216 -10.94 -7.09 31.96
C PRO B 216 -11.84 -7.16 30.74
N ARG B 217 -13.14 -7.03 30.97
CA ARG B 217 -14.12 -6.99 29.89
C ARG B 217 -14.83 -5.65 29.91
N ALA B 218 -15.21 -5.15 28.74
CA ALA B 218 -16.08 -3.97 28.64
C ALA B 218 -16.85 -4.05 27.33
N ALA B 219 -18.12 -3.68 27.35
CA ALA B 219 -18.98 -3.76 26.16
C ALA B 219 -18.72 -2.62 25.18
N PRO B 220 -18.90 -2.88 23.89
CA PRO B 220 -18.68 -1.83 22.89
C PRO B 220 -19.83 -0.83 22.82
N GLU B 221 -19.49 0.43 22.55
CA GLU B 221 -20.46 1.43 22.16
C GLU B 221 -20.39 1.57 20.65
N VAL B 222 -21.54 1.72 20.00
CA VAL B 222 -21.61 1.81 18.55
C VAL B 222 -22.29 3.12 18.15
N TYR B 223 -21.71 3.81 17.16
CA TYR B 223 -22.25 5.06 16.64
C TYR B 223 -22.13 5.08 15.12
N ALA B 224 -23.26 5.26 14.42
CA ALA B 224 -23.25 5.29 12.95
C ALA B 224 -23.63 6.68 12.48
N PHE B 225 -23.01 7.14 11.40
CA PHE B 225 -23.14 8.53 10.95
C PHE B 225 -23.15 8.52 9.42
N ALA B 226 -23.80 9.52 8.82
CA ALA B 226 -23.75 9.70 7.37
C ALA B 226 -23.12 11.06 7.06
N THR B 227 -22.29 11.12 6.03
CA THR B 227 -21.83 12.42 5.55
C THR B 227 -23.00 13.10 4.85
N PRO B 228 -22.94 14.44 4.70
CA PRO B 228 -24.10 15.16 4.19
C PRO B 228 -24.20 15.05 2.69
N GLU B 229 -25.37 15.34 2.13
CA GLU B 229 -25.46 15.39 0.70
C GLU B 229 -24.85 16.69 0.20
N TRP B 230 -24.08 16.60 -0.88
CA TRP B 230 -23.51 17.80 -1.46
C TRP B 230 -23.24 17.52 -2.95
N PRO B 231 -22.84 18.56 -3.69
CA PRO B 231 -22.73 18.37 -5.15
C PRO B 231 -21.83 17.20 -5.56
N GLY B 232 -20.82 16.91 -4.75
CA GLY B 232 -19.88 15.84 -5.06
C GLY B 232 -20.37 14.44 -4.73
N SER B 233 -21.55 14.33 -4.11
CA SER B 233 -22.08 13.02 -3.75
C SER B 233 -23.62 12.97 -3.83
N ARG B 234 -24.15 13.05 -5.04
CA ARG B 234 -25.60 13.05 -5.21
C ARG B 234 -26.21 11.64 -5.32
N ASP B 235 -25.50 10.72 -5.97
CA ASP B 235 -25.99 9.33 -6.14
C ASP B 235 -25.23 8.28 -5.32
N LYS B 236 -24.32 8.74 -4.46
CA LYS B 236 -23.64 7.88 -3.52
C LYS B 236 -23.56 8.63 -2.20
N ARG B 237 -23.48 7.89 -1.10
CA ARG B 237 -23.29 8.54 0.20
C ARG B 237 -22.27 7.75 1.01
N THR B 238 -21.50 8.44 1.85
CA THR B 238 -20.54 7.76 2.70
C THR B 238 -21.05 7.62 4.13
N LEU B 239 -21.11 6.38 4.62
CA LEU B 239 -21.49 6.10 6.00
C LEU B 239 -20.25 5.76 6.80
N ALA B 240 -20.30 6.05 8.09
CA ALA B 240 -19.20 5.69 8.96
C ALA B 240 -19.73 5.16 10.27
N CYS B 241 -18.94 4.30 10.91
CA CYS B 241 -19.31 3.73 12.18
C CYS B 241 -18.10 3.75 13.10
N LEU B 242 -18.30 4.20 14.32
CA LEU B 242 -17.28 4.17 15.33
C LEU B 242 -17.74 3.17 16.38
N ILE B 243 -16.91 2.17 16.63
CA ILE B 243 -17.18 1.21 17.69
C ILE B 243 -16.06 1.34 18.72
N GLN B 244 -16.41 1.54 20.00
CA GLN B 244 -15.35 1.85 20.95
C GLN B 244 -15.58 1.41 22.38
N ASN B 245 -14.49 1.47 23.15
CA ASN B 245 -14.48 1.25 24.59
C ASN B 245 -14.70 -0.22 24.98
N PHE B 246 -14.54 -1.12 24.03
CA PHE B 246 -14.69 -2.55 24.30
C PHE B 246 -13.38 -3.20 24.77
N MET B 247 -13.50 -4.31 25.51
CA MET B 247 -12.36 -5.15 25.91
C MET B 247 -12.87 -6.57 26.12
N PRO B 248 -12.11 -7.57 25.66
CA PRO B 248 -10.82 -7.46 24.99
C PRO B 248 -11.01 -6.99 23.57
N GLU B 249 -9.92 -7.01 22.78
CA GLU B 249 -9.97 -6.42 21.45
C GLU B 249 -10.74 -7.22 20.40
N ASP B 250 -10.98 -8.51 20.66
CA ASP B 250 -11.69 -9.36 19.70
C ASP B 250 -13.07 -8.86 19.34
N ILE B 251 -13.29 -8.52 18.08
CA ILE B 251 -14.59 -8.00 17.67
C ILE B 251 -14.85 -8.35 16.22
N SER B 252 -16.13 -8.55 15.89
CA SER B 252 -16.53 -8.69 14.50
C SER B 252 -17.48 -7.57 14.13
N VAL B 253 -17.18 -6.87 13.05
CA VAL B 253 -17.98 -5.73 12.64
C VAL B 253 -18.58 -6.02 11.26
N GLN B 254 -19.88 -5.83 11.11
CA GLN B 254 -20.51 -6.03 9.81
C GLN B 254 -21.47 -4.89 9.52
N TRP B 255 -21.76 -4.69 8.25
CA TRP B 255 -22.83 -3.80 7.87
C TRP B 255 -23.97 -4.63 7.29
N LEU B 256 -25.19 -4.30 7.72
CA LEU B 256 -26.38 -5.03 7.29
C LEU B 256 -27.29 -4.08 6.55
N HIS B 257 -27.92 -4.57 5.48
CA HIS B 257 -28.86 -3.76 4.71
C HIS B 257 -29.97 -4.63 4.12
N ASN B 258 -31.21 -4.30 4.43
CA ASN B 258 -32.34 -4.95 3.79
C ASN B 258 -32.30 -6.47 3.96
N GLU B 259 -31.96 -6.91 5.16
CA GLU B 259 -31.91 -8.34 5.52
C GLU B 259 -30.72 -9.08 4.90
N VAL B 260 -29.80 -8.32 4.33
CA VAL B 260 -28.58 -8.91 3.81
C VAL B 260 -27.39 -8.47 4.65
N GLN B 261 -26.50 -9.42 4.94
CA GLN B 261 -25.21 -9.07 5.52
C GLN B 261 -24.25 -8.74 4.39
N LEU B 262 -23.85 -7.48 4.27
CA LEU B 262 -23.04 -7.06 3.13
C LEU B 262 -21.68 -7.75 3.14
N PRO B 263 -21.11 -7.98 1.94
CA PRO B 263 -19.77 -8.56 1.86
C PRO B 263 -18.76 -7.70 2.61
N ASP B 264 -17.81 -8.36 3.28
CA ASP B 264 -16.74 -7.66 4.00
C ASP B 264 -16.04 -6.66 3.08
N ALA B 265 -15.93 -7.03 1.80
CA ALA B 265 -15.24 -6.19 0.82
C ALA B 265 -15.85 -4.80 0.63
N ARG B 266 -17.14 -4.65 0.93
CA ARG B 266 -17.84 -3.38 0.75
C ARG B 266 -17.31 -2.27 1.65
N HIS B 267 -16.79 -2.63 2.82
CA HIS B 267 -16.37 -1.60 3.76
C HIS B 267 -14.91 -1.68 4.08
N SER B 268 -14.36 -0.59 4.58
CA SER B 268 -13.00 -0.52 5.05
C SER B 268 -13.03 -0.32 6.56
N THR B 269 -12.56 -1.33 7.30
CA THR B 269 -12.70 -1.33 8.75
C THR B 269 -11.35 -1.54 9.40
N THR B 270 -11.03 -0.69 10.37
CA THR B 270 -9.70 -0.74 10.96
C THR B 270 -9.60 -1.90 11.95
N GLN B 271 -8.36 -2.34 12.18
CA GLN B 271 -8.11 -3.29 13.24
C GLN B 271 -8.15 -2.51 14.56
N PRO B 272 -8.63 -3.15 15.64
CA PRO B 272 -8.73 -2.48 16.94
C PRO B 272 -7.45 -1.78 17.36
N ARG B 273 -7.60 -0.55 17.84
CA ARG B 273 -6.50 0.21 18.44
C ARG B 273 -6.90 0.66 19.83
N LYS B 274 -5.93 0.73 20.75
CA LYS B 274 -6.23 1.18 22.11
C LYS B 274 -6.74 2.61 22.10
N THR B 275 -7.72 2.90 22.95
CA THR B 275 -8.16 4.27 23.18
C THR B 275 -7.08 4.98 23.98
N LYS B 276 -7.32 6.25 24.30
CA LYS B 276 -6.36 7.01 25.09
C LYS B 276 -6.47 6.59 26.55
N GLY B 277 -7.36 5.64 26.83
CA GLY B 277 -7.56 5.17 28.19
C GLY B 277 -7.79 3.68 28.23
N SER B 278 -9.01 3.31 28.60
CA SER B 278 -9.37 1.90 28.72
C SER B 278 -10.23 1.43 27.54
N GLY B 279 -9.80 0.35 26.90
CA GLY B 279 -10.57 -0.26 25.84
C GLY B 279 -9.98 0.01 24.47
N PHE B 280 -10.64 -0.54 23.46
CA PHE B 280 -10.20 -0.37 22.09
C PHE B 280 -11.26 0.33 21.27
N PHE B 281 -10.89 0.78 20.07
CA PHE B 281 -11.84 1.35 19.13
C PHE B 281 -11.51 0.88 17.71
N VAL B 282 -12.54 0.90 16.88
CA VAL B 282 -12.42 0.60 15.46
C VAL B 282 -13.28 1.61 14.69
N PHE B 283 -12.84 1.97 13.48
CA PHE B 283 -13.64 2.80 12.58
C PHE B 283 -13.97 1.97 11.35
N SER B 284 -15.20 2.09 10.87
CA SER B 284 -15.58 1.45 9.62
C SER B 284 -16.18 2.48 8.66
N ARG B 285 -15.81 2.38 7.38
CA ARG B 285 -16.32 3.28 6.37
C ARG B 285 -17.03 2.48 5.29
N LEU B 286 -18.24 2.88 4.93
CA LEU B 286 -19.04 2.16 3.94
C LEU B 286 -19.67 3.13 2.94
N GLU B 287 -19.29 3.03 1.67
CA GLU B 287 -19.93 3.85 0.63
C GLU B 287 -21.15 3.10 0.11
N VAL B 288 -22.30 3.77 0.10
CA VAL B 288 -23.54 3.15 -0.37
C VAL B 288 -24.07 3.88 -1.59
N THR B 289 -24.98 3.23 -2.32
CA THR B 289 -25.51 3.77 -3.58
C THR B 289 -26.96 4.16 -3.47
N ARG B 290 -27.40 5.04 -4.37
CA ARG B 290 -28.81 5.42 -4.42
C ARG B 290 -29.74 4.21 -4.56
N ALA B 291 -29.35 3.27 -5.40
CA ALA B 291 -30.17 2.07 -5.61
C ALA B 291 -30.41 1.36 -4.28
N GLU B 292 -29.40 1.36 -3.43
CA GLU B 292 -29.52 0.70 -2.13
C GLU B 292 -30.48 1.42 -1.19
N TRP B 293 -30.31 2.73 -1.03
CA TRP B 293 -31.19 3.45 -0.11
C TRP B 293 -32.62 3.61 -0.63
N GLU B 294 -32.80 3.57 -1.95
CA GLU B 294 -34.15 3.59 -2.51
C GLU B 294 -34.85 2.25 -2.31
N GLN B 295 -34.05 1.18 -2.27
CA GLN B 295 -34.55 -0.15 -1.92
C GLN B 295 -34.98 -0.19 -0.46
N LYS B 296 -34.12 0.29 0.44
CA LYS B 296 -34.43 0.39 1.86
C LYS B 296 -33.45 1.36 2.49
N ASP B 297 -33.96 2.47 3.02
CA ASP B 297 -33.08 3.50 3.58
C ASP B 297 -32.76 3.20 5.02
N GLU B 298 -31.99 2.14 5.23
CA GLU B 298 -31.57 1.73 6.56
C GLU B 298 -30.30 0.89 6.47
N PHE B 299 -29.22 1.42 7.02
CA PHE B 299 -27.93 0.72 6.98
C PHE B 299 -27.46 0.52 8.41
N ILE B 300 -27.19 -0.72 8.76
CA ILE B 300 -26.92 -1.06 10.14
C ILE B 300 -25.47 -1.44 10.38
N CYS B 301 -24.83 -0.75 11.31
CA CYS B 301 -23.49 -1.13 11.72
C CYS B 301 -23.64 -2.01 12.96
N ARG B 302 -23.16 -3.24 12.87
CA ARG B 302 -23.33 -4.16 13.99
C ARG B 302 -21.99 -4.68 14.45
N ALA B 303 -21.81 -4.70 15.78
CA ALA B 303 -20.61 -5.24 16.38
C ALA B 303 -20.98 -6.51 17.15
N VAL B 304 -20.17 -7.54 16.97
CA VAL B 304 -20.27 -8.77 17.76
C VAL B 304 -19.09 -8.85 18.71
N HIS B 305 -19.37 -8.98 20.00
CA HIS B 305 -18.33 -8.92 21.02
C HIS B 305 -18.81 -9.65 22.26
N GLU B 306 -17.93 -10.39 22.91
CA GLU B 306 -18.33 -11.25 24.02
C GLU B 306 -19.00 -10.49 25.16
N ALA B 307 -18.68 -9.20 25.29
CA ALA B 307 -19.18 -8.43 26.44
C ALA B 307 -20.46 -7.63 26.13
N ALA B 308 -20.91 -7.66 24.89
CA ALA B 308 -22.17 -7.00 24.54
C ALA B 308 -23.31 -7.85 25.08
N SER B 309 -24.31 -7.21 25.69
CA SER B 309 -25.47 -7.94 26.20
C SER B 309 -26.76 -7.38 25.60
N PRO B 310 -27.79 -8.21 25.44
CA PRO B 310 -27.98 -9.57 25.98
C PRO B 310 -27.29 -10.68 25.21
N SER B 311 -27.02 -10.46 23.93
CA SER B 311 -26.68 -11.56 23.02
C SER B 311 -25.43 -11.31 22.21
N GLN B 312 -24.45 -10.66 22.84
CA GLN B 312 -23.13 -10.48 22.28
C GLN B 312 -23.15 -9.61 21.04
N THR B 313 -24.19 -8.79 20.90
CA THR B 313 -24.35 -7.88 19.77
C THR B 313 -24.79 -6.48 20.19
N VAL B 314 -24.26 -5.47 19.50
CA VAL B 314 -24.74 -4.09 19.62
C VAL B 314 -24.75 -3.52 18.21
N GLN B 315 -25.79 -2.76 17.89
CA GLN B 315 -25.92 -2.22 16.54
C GLN B 315 -26.61 -0.86 16.53
N ARG B 316 -26.35 -0.09 15.49
CA ARG B 316 -27.03 1.18 15.27
C ARG B 316 -27.28 1.33 13.77
N ALA B 317 -28.44 1.89 13.45
CA ALA B 317 -28.83 2.10 12.07
C ALA B 317 -28.69 3.56 11.67
N VAL B 318 -28.44 3.79 10.38
CA VAL B 318 -28.43 5.15 9.87
C VAL B 318 -29.17 5.21 8.54
N SER B 319 -29.86 6.32 8.29
CA SER B 319 -30.58 6.54 7.05
C SER B 319 -29.94 7.73 6.37
N VAL B 320 -30.06 7.83 5.06
CA VAL B 320 -29.43 8.96 4.37
C VAL B 320 -30.44 9.88 3.73
N ASN B 321 -31.70 9.46 3.72
CA ASN B 321 -32.74 10.16 2.99
C ASN B 321 -33.92 10.53 3.89
N PRO B 322 -34.39 11.79 3.79
CA PRO B 322 -35.54 12.22 4.58
C PRO B 322 -36.82 11.54 4.10
N GLY B 323 -37.46 10.79 4.99
CA GLY B 323 -38.68 10.09 4.65
C GLY B 323 -39.42 9.62 5.90
#